data_1A79
#
_entry.id   1A79
#
_cell.length_a   61.950
_cell.length_b   80.040
_cell.length_c   193.590
_cell.angle_alpha   90.00
_cell.angle_beta   90.00
_cell.angle_gamma   90.00
#
_symmetry.space_group_name_H-M   'P 21 21 21'
#
loop_
_entity.id
_entity.type
_entity.pdbx_description
1 polymer 'TRNA ENDONUCLEASE'
2 non-polymer 'SULFATE ION'
3 non-polymer 'GOLD ION'
4 water water
#
_entity_poly.entity_id   1
_entity_poly.type   'polypeptide(L)'
_entity_poly.pdbx_seq_one_letter_code
;KITGLLDGDRVIVFDKNGISKLSARHYGNVEGNFLSLSLVEALYLINLGWLEVKYKDNKPLSFEELYEYARNVEERLCLK
YLVYKDLRTRGYIVKTGLKYGADFRLYERGANIDKEHSVYLVKVFPEDSSFLLSELTGFVRVAHSVRKKLLIAIVDADGD
IVYYNMTYVKP
;
_entity_poly.pdbx_strand_id   A,B,C,D
#
loop_
_chem_comp.id
_chem_comp.type
_chem_comp.name
_chem_comp.formula
AU non-polymer 'GOLD ION' 'Au 1'
SO4 non-polymer 'SULFATE ION' 'O4 S -2'
#
# COMPACT_ATOMS: atom_id res chain seq x y z
N LYS A 1 5.11 17.29 35.91
CA LYS A 1 4.18 16.64 34.93
C LYS A 1 3.89 17.57 33.76
N ILE A 2 4.58 17.38 32.64
CA ILE A 2 4.39 18.23 31.47
C ILE A 2 2.94 18.24 31.00
N THR A 3 2.40 19.44 30.76
CA THR A 3 1.03 19.55 30.29
C THR A 3 1.01 19.97 28.83
N GLY A 4 0.08 19.40 28.08
CA GLY A 4 -0.03 19.73 26.67
C GLY A 4 -1.42 20.23 26.37
N LEU A 5 -1.56 20.84 25.20
CA LEU A 5 -2.84 21.38 24.77
C LEU A 5 -3.34 20.63 23.55
N LEU A 6 -4.39 19.84 23.72
CA LEU A 6 -4.93 19.10 22.59
C LEU A 6 -5.52 20.06 21.56
N ASP A 7 -4.99 20.00 20.34
CA ASP A 7 -5.43 20.85 19.24
C ASP A 7 -5.52 19.95 17.99
N GLY A 8 -6.72 19.50 17.68
CA GLY A 8 -6.92 18.65 16.52
C GLY A 8 -6.16 17.34 16.52
N ASP A 9 -5.20 17.21 15.62
CA ASP A 9 -4.41 15.97 15.52
C ASP A 9 -3.10 16.00 16.26
N ARG A 10 -2.85 17.04 17.04
CA ARG A 10 -1.60 17.12 17.79
C ARG A 10 -1.78 17.79 19.14
N VAL A 11 -0.78 17.64 20.00
CA VAL A 11 -0.79 18.22 21.33
C VAL A 11 0.37 19.20 21.43
N ILE A 12 0.06 20.44 21.84
CA ILE A 12 1.04 21.52 21.97
C ILE A 12 1.58 21.68 23.39
N VAL A 13 2.91 21.75 23.50
CA VAL A 13 3.60 21.92 24.76
C VAL A 13 4.38 23.23 24.68
N PHE A 14 4.07 24.15 25.59
CA PHE A 14 4.75 25.46 25.63
C PHE A 14 5.83 25.54 26.71
N ASP A 15 5.64 24.81 27.81
CA ASP A 15 6.61 24.79 28.91
C ASP A 15 8.02 24.56 28.36
N LYS A 16 8.86 25.58 28.42
CA LYS A 16 10.22 25.47 27.91
C LYS A 16 10.95 24.23 28.40
N ASN A 17 10.68 23.82 29.64
CA ASN A 17 11.35 22.64 30.20
C ASN A 17 10.83 21.35 29.63
N GLY A 18 9.51 21.20 29.62
CA GLY A 18 8.92 20.00 29.07
C GLY A 18 9.45 19.84 27.65
N ILE A 19 9.66 20.97 26.98
CA ILE A 19 10.16 20.99 25.61
C ILE A 19 11.58 20.42 25.54
N SER A 20 12.34 20.57 26.62
CA SER A 20 13.70 20.05 26.65
C SER A 20 13.69 18.56 26.95
N LYS A 21 12.91 18.19 27.96
CA LYS A 21 12.78 16.79 28.38
C LYS A 21 12.35 15.92 27.23
N LEU A 22 11.22 16.29 26.63
CA LEU A 22 10.66 15.55 25.51
C LEU A 22 11.59 15.51 24.29
N SER A 23 12.13 16.68 23.94
CA SER A 23 13.05 16.78 22.81
C SER A 23 14.29 15.91 23.04
N ALA A 24 14.70 15.83 24.31
CA ALA A 24 15.87 15.03 24.67
C ALA A 24 15.69 13.59 24.24
N ARG A 25 14.55 13.00 24.59
CA ARG A 25 14.25 11.61 24.24
C ARG A 25 13.60 11.50 22.86
N HIS A 26 13.71 12.56 22.07
CA HIS A 26 13.17 12.55 20.72
C HIS A 26 11.65 12.49 20.51
N TYR A 27 10.88 12.94 21.49
CA TYR A 27 9.43 12.93 21.32
C TYR A 27 9.02 14.29 20.74
N GLY A 28 8.05 14.27 19.84
CA GLY A 28 7.55 15.50 19.27
C GLY A 28 8.45 16.32 18.37
N ASN A 29 7.89 17.44 17.91
CA ASN A 29 8.56 18.39 17.01
C ASN A 29 8.64 19.78 17.63
N VAL A 30 9.85 20.30 17.78
CA VAL A 30 10.05 21.62 18.37
C VAL A 30 9.92 22.71 17.32
N GLU A 31 8.77 23.39 17.34
CA GLU A 31 8.47 24.45 16.40
C GLU A 31 9.32 25.66 16.76
N GLY A 32 9.62 25.76 18.05
CA GLY A 32 10.41 26.88 18.54
C GLY A 32 9.62 27.53 19.65
N ASN A 33 8.46 28.08 19.30
CA ASN A 33 7.57 28.73 20.26
C ASN A 33 6.88 27.65 21.10
N PHE A 34 7.00 26.41 20.65
CA PHE A 34 6.40 25.27 21.33
C PHE A 34 6.87 23.95 20.73
N LEU A 35 6.47 22.87 21.36
CA LEU A 35 6.80 21.54 20.89
C LEU A 35 5.46 20.86 20.69
N SER A 36 5.28 20.18 19.56
CA SER A 36 4.01 19.50 19.32
C SER A 36 4.23 17.99 19.21
N LEU A 37 3.30 17.25 19.80
CA LEU A 37 3.33 15.80 19.79
C LEU A 37 2.18 15.26 18.96
N SER A 38 2.32 14.02 18.50
CA SER A 38 1.26 13.39 17.73
C SER A 38 0.32 12.81 18.78
N LEU A 39 -0.87 12.41 18.37
CA LEU A 39 -1.82 11.84 19.32
C LEU A 39 -1.27 10.55 19.93
N VAL A 40 -0.57 9.76 19.11
CA VAL A 40 -0.01 8.50 19.58
C VAL A 40 1.14 8.75 20.55
N GLU A 41 1.92 9.79 20.30
CA GLU A 41 3.03 10.12 21.19
C GLU A 41 2.44 10.59 22.52
N ALA A 42 1.41 11.42 22.46
CA ALA A 42 0.75 11.95 23.66
C ALA A 42 0.15 10.85 24.53
N LEU A 43 -0.58 9.93 23.88
CA LEU A 43 -1.20 8.82 24.57
C LEU A 43 -0.13 8.04 25.33
N TYR A 44 1.01 7.84 24.67
CA TYR A 44 2.13 7.10 25.24
C TYR A 44 2.75 7.80 26.44
N LEU A 45 2.99 9.10 26.30
CA LEU A 45 3.59 9.86 27.38
C LEU A 45 2.63 9.99 28.56
N ILE A 46 1.33 10.00 28.29
CA ILE A 46 0.35 10.07 29.38
C ILE A 46 0.51 8.74 30.13
N ASN A 47 0.56 7.66 29.35
CA ASN A 47 0.71 6.30 29.84
C ASN A 47 1.98 6.14 30.67
N LEU A 48 3.01 6.91 30.32
CA LEU A 48 4.27 6.87 31.03
C LEU A 48 4.09 7.64 32.33
N GLY A 49 3.17 8.58 32.31
CA GLY A 49 2.91 9.41 33.47
C GLY A 49 3.66 10.72 33.37
N TRP A 50 4.28 10.94 32.20
CA TRP A 50 5.05 12.16 31.94
C TRP A 50 4.17 13.32 31.53
N LEU A 51 3.09 13.01 30.83
CA LEU A 51 2.21 14.03 30.30
C LEU A 51 0.79 14.14 30.85
N GLU A 52 0.27 15.36 30.72
CA GLU A 52 -1.07 15.75 31.15
C GLU A 52 -1.59 16.52 29.94
N VAL A 53 -2.76 16.15 29.44
CA VAL A 53 -3.31 16.83 28.27
C VAL A 53 -4.66 17.48 28.53
N LYS A 54 -4.76 18.78 28.27
CA LYS A 54 -6.00 19.54 28.46
C LYS A 54 -6.58 19.86 27.09
N TYR A 55 -7.91 19.90 26.98
CA TYR A 55 -8.55 20.17 25.69
C TYR A 55 -9.26 21.50 25.52
N LYS A 56 -10.41 21.68 26.18
CA LYS A 56 -11.16 22.92 26.03
C LYS A 56 -11.07 23.82 27.27
N ASP A 57 -10.88 23.20 28.43
CA ASP A 57 -10.78 23.92 29.69
C ASP A 57 -9.43 23.60 30.36
N ASN A 58 -9.47 23.15 31.61
CA ASN A 58 -8.24 22.82 32.32
C ASN A 58 -8.19 21.34 32.71
N LYS A 59 -9.28 20.84 33.27
CA LYS A 59 -9.35 19.45 33.68
C LYS A 59 -8.65 18.56 32.66
N PRO A 60 -7.49 18.00 33.02
CA PRO A 60 -6.80 17.15 32.06
C PRO A 60 -7.68 15.98 31.61
N LEU A 61 -7.44 15.50 30.39
CA LEU A 61 -8.19 14.37 29.82
C LEU A 61 -7.53 13.06 30.25
N SER A 62 -8.34 12.10 30.69
CA SER A 62 -7.80 10.81 31.09
C SER A 62 -7.23 10.15 29.84
N PHE A 63 -6.43 9.10 30.04
CA PHE A 63 -5.83 8.37 28.93
C PHE A 63 -6.95 7.89 27.99
N GLU A 64 -7.96 7.28 28.57
CA GLU A 64 -9.12 6.74 27.86
C GLU A 64 -9.90 7.84 27.15
N GLU A 65 -9.87 9.04 27.73
CA GLU A 65 -10.56 10.17 27.13
C GLU A 65 -9.77 10.55 25.88
N LEU A 66 -8.48 10.84 26.06
CA LEU A 66 -7.65 11.22 24.94
C LEU A 66 -7.63 10.08 23.93
N TYR A 67 -7.61 8.85 24.44
CA TYR A 67 -7.59 7.69 23.56
C TYR A 67 -8.86 7.55 22.70
N GLU A 68 -10.01 7.90 23.27
CA GLU A 68 -11.26 7.80 22.53
C GLU A 68 -11.33 8.88 21.45
N TYR A 69 -10.79 10.05 21.77
CA TYR A 69 -10.77 11.18 20.87
C TYR A 69 -9.95 10.83 19.63
N ALA A 70 -8.77 10.27 19.87
CA ALA A 70 -7.84 9.87 18.81
C ALA A 70 -8.35 8.72 17.96
N ARG A 71 -9.05 7.78 18.59
CA ARG A 71 -9.61 6.65 17.88
C ARG A 71 -10.63 7.23 16.87
N ASN A 72 -11.32 8.28 17.30
CA ASN A 72 -12.32 8.94 16.49
C ASN A 72 -11.77 9.77 15.33
N VAL A 73 -10.56 10.28 15.49
CA VAL A 73 -9.97 11.11 14.44
C VAL A 73 -8.91 10.39 13.62
N GLU A 74 -8.45 9.24 14.10
CA GLU A 74 -7.43 8.51 13.36
C GLU A 74 -7.80 7.04 13.18
N GLU A 75 -8.08 6.69 11.93
CA GLU A 75 -8.48 5.35 11.54
C GLU A 75 -7.85 4.18 12.28
N ARG A 76 -6.53 4.03 12.19
CA ARG A 76 -5.86 2.91 12.83
C ARG A 76 -5.05 3.26 14.09
N LEU A 77 -5.63 4.10 14.94
CA LEU A 77 -4.95 4.54 16.16
C LEU A 77 -4.59 3.38 17.07
N CYS A 78 -5.54 2.46 17.26
CA CYS A 78 -5.32 1.30 18.11
C CYS A 78 -4.04 0.59 17.70
N LEU A 79 -3.97 0.19 16.43
CA LEU A 79 -2.81 -0.50 15.88
C LEU A 79 -1.52 0.28 16.08
N LYS A 80 -1.49 1.48 15.52
CA LYS A 80 -0.31 2.31 15.62
C LYS A 80 0.13 2.59 17.06
N TYR A 81 -0.82 2.94 17.94
CA TYR A 81 -0.47 3.20 19.33
C TYR A 81 0.21 1.98 19.95
N LEU A 82 -0.39 0.81 19.73
CA LEU A 82 0.12 -0.45 20.25
C LEU A 82 1.55 -0.79 19.80
N VAL A 83 1.80 -0.67 18.49
CA VAL A 83 3.13 -1.00 17.99
C VAL A 83 4.16 0.05 18.35
N TYR A 84 3.75 1.32 18.35
CA TYR A 84 4.67 2.39 18.70
C TYR A 84 5.12 2.19 20.15
N LYS A 85 4.15 2.04 21.04
CA LYS A 85 4.44 1.82 22.44
C LYS A 85 5.40 0.65 22.59
N ASP A 86 5.14 -0.45 21.88
CA ASP A 86 5.99 -1.62 21.97
C ASP A 86 7.42 -1.39 21.48
N LEU A 87 7.59 -0.73 20.34
CA LEU A 87 8.93 -0.47 19.80
C LEU A 87 9.66 0.61 20.59
N ARG A 88 8.88 1.53 21.17
CA ARG A 88 9.46 2.61 21.96
C ARG A 88 9.99 1.97 23.24
N THR A 89 9.29 0.94 23.69
CA THR A 89 9.67 0.21 24.89
C THR A 89 10.94 -0.61 24.65
N ARG A 90 11.17 -0.98 23.39
CA ARG A 90 12.36 -1.77 23.03
C ARG A 90 13.55 -0.85 22.87
N GLY A 91 13.32 0.45 23.02
CA GLY A 91 14.42 1.40 22.91
C GLY A 91 14.58 2.07 21.57
N TYR A 92 13.78 1.68 20.58
CA TYR A 92 13.87 2.26 19.25
C TYR A 92 13.35 3.70 19.24
N ILE A 93 13.78 4.49 18.26
CA ILE A 93 13.28 5.84 18.14
C ILE A 93 12.27 5.74 17.00
N VAL A 94 10.99 5.70 17.36
CA VAL A 94 9.90 5.56 16.40
C VAL A 94 9.44 6.84 15.71
N LYS A 95 9.64 6.94 14.39
CA LYS A 95 9.20 8.10 13.63
C LYS A 95 8.25 7.66 12.52
N THR A 96 7.65 8.62 11.80
CA THR A 96 6.70 8.27 10.75
C THR A 96 7.36 7.63 9.53
N GLY A 97 6.65 6.70 8.89
CA GLY A 97 7.19 6.05 7.72
C GLY A 97 6.40 6.44 6.48
N LEU A 98 5.61 7.50 6.60
CA LEU A 98 4.77 8.00 5.53
C LEU A 98 5.45 8.15 4.17
N LYS A 99 6.67 8.68 4.15
CA LYS A 99 7.35 8.86 2.87
C LYS A 99 7.55 7.56 2.10
N TYR A 100 7.38 6.44 2.79
CA TYR A 100 7.56 5.11 2.18
C TYR A 100 6.29 4.29 2.14
N GLY A 101 5.17 4.90 2.52
CA GLY A 101 3.91 4.18 2.54
C GLY A 101 3.81 3.24 3.74
N ALA A 102 4.70 3.43 4.71
CA ALA A 102 4.73 2.60 5.92
C ALA A 102 4.24 3.35 7.14
N ASP A 103 3.98 2.61 8.22
CA ASP A 103 3.50 3.17 9.48
C ASP A 103 4.59 3.91 10.26
N PHE A 104 5.74 3.26 10.44
CA PHE A 104 6.85 3.86 11.15
C PHE A 104 8.17 3.59 10.43
N ARG A 105 9.21 4.21 10.97
CA ARG A 105 10.58 4.05 10.49
C ARG A 105 11.32 4.15 11.82
N LEU A 106 12.28 3.26 12.04
CA LEU A 106 12.99 3.25 13.31
C LEU A 106 14.48 3.59 13.26
N TYR A 107 14.97 4.09 14.39
CA TYR A 107 16.36 4.44 14.58
C TYR A 107 16.82 3.70 15.83
N GLU A 108 18.05 3.23 15.83
CA GLU A 108 18.60 2.48 16.96
C GLU A 108 18.60 3.30 18.26
N ARG A 109 18.47 2.58 19.39
CA ARG A 109 18.43 3.19 20.73
C ARG A 109 18.97 4.61 20.80
N GLY A 110 20.24 4.77 20.45
CA GLY A 110 20.84 6.09 20.48
C GLY A 110 21.28 6.51 19.09
N ALA A 111 20.60 7.48 18.51
CA ALA A 111 20.96 7.94 17.17
C ALA A 111 20.60 9.39 16.95
N ASN A 112 21.42 10.06 16.18
CA ASN A 112 21.19 11.45 15.83
C ASN A 112 20.28 11.39 14.62
N ILE A 113 18.98 11.43 14.87
CA ILE A 113 17.97 11.37 13.82
C ILE A 113 18.29 12.34 12.68
N ASP A 114 19.24 13.23 12.92
CA ASP A 114 19.63 14.23 11.93
C ASP A 114 20.48 13.68 10.79
N LYS A 115 21.74 13.38 11.08
CA LYS A 115 22.68 12.86 10.09
C LYS A 115 22.58 11.36 9.86
N GLU A 116 21.71 10.68 10.61
CA GLU A 116 21.55 9.24 10.45
C GLU A 116 20.27 8.89 9.71
N HIS A 117 20.18 7.65 9.25
CA HIS A 117 19.01 7.18 8.54
C HIS A 117 18.33 6.09 9.35
N SER A 118 17.03 5.91 9.11
CA SER A 118 16.27 4.89 9.82
C SER A 118 16.71 3.53 9.30
N VAL A 119 16.76 2.55 10.20
CA VAL A 119 17.20 1.21 9.84
C VAL A 119 16.04 0.24 9.52
N TYR A 120 14.86 0.51 10.09
CA TYR A 120 13.69 -0.33 9.86
C TYR A 120 12.53 0.47 9.29
N LEU A 121 11.68 -0.22 8.52
CA LEU A 121 10.47 0.38 7.96
C LEU A 121 9.43 -0.56 8.57
N VAL A 122 8.36 0.00 9.14
CA VAL A 122 7.36 -0.85 9.78
C VAL A 122 5.95 -0.69 9.25
N LYS A 123 5.22 -1.80 9.13
CA LYS A 123 3.84 -1.77 8.67
C LYS A 123 3.02 -2.61 9.66
N VAL A 124 1.92 -2.03 10.14
CA VAL A 124 1.07 -2.70 11.12
C VAL A 124 -0.19 -3.30 10.49
N PHE A 125 -0.59 -4.46 10.97
CA PHE A 125 -1.77 -5.17 10.47
C PHE A 125 -2.52 -5.90 11.56
N PRO A 126 -3.85 -5.84 11.53
CA PRO A 126 -4.58 -6.57 12.56
C PRO A 126 -4.51 -8.00 12.01
N GLU A 127 -4.25 -8.98 12.86
CA GLU A 127 -4.14 -10.36 12.39
C GLU A 127 -5.39 -11.03 11.83
N ASP A 128 -6.50 -10.87 12.53
CA ASP A 128 -7.76 -11.50 12.13
C ASP A 128 -8.50 -10.75 11.05
N SER A 129 -7.77 -10.17 10.11
CA SER A 129 -8.40 -9.41 9.06
C SER A 129 -7.97 -9.87 7.68
N SER A 130 -8.86 -9.70 6.71
CA SER A 130 -8.58 -10.08 5.32
C SER A 130 -7.66 -9.02 4.74
N PHE A 131 -6.80 -9.44 3.82
CA PHE A 131 -5.87 -8.51 3.20
C PHE A 131 -5.53 -9.02 1.81
N LEU A 132 -4.87 -8.18 1.03
CA LEU A 132 -4.45 -8.58 -0.31
C LEU A 132 -2.94 -8.63 -0.26
N LEU A 133 -2.37 -9.62 -0.95
CA LEU A 133 -0.93 -9.82 -0.96
C LEU A 133 -0.11 -8.63 -1.47
N SER A 134 -0.67 -7.83 -2.38
CA SER A 134 0.06 -6.69 -2.90
C SER A 134 0.43 -5.70 -1.78
N GLU A 135 -0.36 -5.69 -0.71
CA GLU A 135 -0.08 -4.81 0.42
C GLU A 135 1.28 -5.12 1.04
N LEU A 136 1.65 -6.41 1.03
CA LEU A 136 2.93 -6.86 1.60
C LEU A 136 4.01 -6.87 0.51
N THR A 137 3.58 -7.28 -0.66
CA THR A 137 4.42 -7.38 -1.83
C THR A 137 5.04 -6.02 -2.21
N GLY A 138 4.27 -4.95 -2.00
CA GLY A 138 4.74 -3.61 -2.31
C GLY A 138 5.67 -3.11 -1.24
N PHE A 139 5.35 -3.45 0.00
CA PHE A 139 6.16 -3.07 1.16
C PHE A 139 7.58 -3.66 1.02
N VAL A 140 7.67 -4.96 0.72
CA VAL A 140 8.98 -5.61 0.55
C VAL A 140 9.78 -4.90 -0.54
N ARG A 141 9.09 -4.43 -1.58
CA ARG A 141 9.73 -3.75 -2.69
C ARG A 141 10.32 -2.42 -2.25
N VAL A 142 9.47 -1.58 -1.67
CA VAL A 142 9.88 -0.26 -1.21
C VAL A 142 11.02 -0.37 -0.19
N ALA A 143 10.87 -1.30 0.75
CA ALA A 143 11.90 -1.49 1.76
C ALA A 143 13.19 -1.79 1.03
N HIS A 144 13.07 -2.60 -0.02
CA HIS A 144 14.23 -2.98 -0.80
C HIS A 144 14.88 -1.80 -1.52
N SER A 145 14.08 -1.06 -2.29
CA SER A 145 14.64 0.07 -3.03
C SER A 145 15.34 1.08 -2.11
N VAL A 146 14.70 1.39 -1.00
CA VAL A 146 15.28 2.34 -0.07
C VAL A 146 16.32 1.69 0.86
N ARG A 147 16.74 0.48 0.51
CA ARG A 147 17.73 -0.27 1.29
C ARG A 147 17.51 -0.23 2.81
N LYS A 148 16.39 -0.77 3.28
CA LYS A 148 16.08 -0.77 4.71
C LYS A 148 15.47 -2.10 5.10
N LYS A 149 15.64 -2.50 6.37
CA LYS A 149 15.04 -3.75 6.85
C LYS A 149 13.56 -3.46 7.05
N LEU A 150 12.74 -4.51 7.09
CA LEU A 150 11.32 -4.31 7.29
C LEU A 150 10.74 -5.15 8.39
N LEU A 151 9.71 -4.62 9.03
CA LEU A 151 9.02 -5.32 10.08
C LEU A 151 7.55 -5.26 9.77
N ILE A 152 6.91 -6.41 9.82
CA ILE A 152 5.48 -6.50 9.59
C ILE A 152 4.92 -6.82 10.97
N ALA A 153 4.41 -5.80 11.65
CA ALA A 153 3.86 -6.00 12.98
C ALA A 153 2.40 -6.40 12.89
N ILE A 154 2.09 -7.60 13.37
CA ILE A 154 0.72 -8.08 13.33
C ILE A 154 0.20 -8.15 14.75
N VAL A 155 -0.90 -7.44 14.99
CA VAL A 155 -1.51 -7.38 16.32
C VAL A 155 -2.76 -8.26 16.36
N ASP A 156 -2.77 -9.26 17.22
CA ASP A 156 -3.93 -10.15 17.32
C ASP A 156 -5.07 -9.49 18.09
N ALA A 157 -6.24 -10.12 18.05
CA ALA A 157 -7.42 -9.61 18.73
C ALA A 157 -7.18 -9.25 20.20
N ASP A 158 -6.15 -9.83 20.80
CA ASP A 158 -5.85 -9.54 22.21
C ASP A 158 -4.95 -8.34 22.35
N GLY A 159 -4.52 -7.78 21.21
CA GLY A 159 -3.64 -6.62 21.22
C GLY A 159 -2.17 -6.96 21.31
N ASP A 160 -1.83 -8.24 21.13
CA ASP A 160 -0.44 -8.66 21.19
C ASP A 160 0.20 -8.56 19.82
N ILE A 161 1.51 -8.28 19.80
CA ILE A 161 2.23 -8.10 18.56
C ILE A 161 3.28 -9.16 18.26
N VAL A 162 3.37 -9.57 17.00
CA VAL A 162 4.38 -10.53 16.54
C VAL A 162 4.95 -9.89 15.28
N TYR A 163 6.25 -9.67 15.28
CA TYR A 163 6.90 -9.05 14.13
C TYR A 163 7.38 -10.14 13.17
N TYR A 164 7.24 -9.87 11.88
CA TYR A 164 7.65 -10.81 10.85
C TYR A 164 8.44 -10.11 9.76
N ASN A 165 9.27 -10.87 9.07
CA ASN A 165 10.03 -10.33 7.96
C ASN A 165 9.49 -11.07 6.76
N MET A 166 9.77 -10.53 5.57
CA MET A 166 9.32 -11.14 4.35
C MET A 166 10.35 -10.76 3.31
N THR A 167 10.71 -11.74 2.48
CA THR A 167 11.71 -11.50 1.47
C THR A 167 11.36 -12.21 0.18
N TYR A 168 11.67 -11.55 -0.93
CA TYR A 168 11.44 -12.09 -2.25
C TYR A 168 12.36 -13.29 -2.36
N VAL A 169 11.96 -14.29 -3.14
CA VAL A 169 12.81 -15.48 -3.25
C VAL A 169 12.73 -16.14 -4.62
N LYS A 170 13.88 -16.63 -5.08
CA LYS A 170 13.96 -17.34 -6.37
C LYS A 170 14.49 -18.75 -6.06
N PRO A 171 13.60 -19.72 -5.84
CA PRO A 171 14.00 -21.10 -5.53
C PRO A 171 14.93 -21.79 -6.54
N LYS B 1 7.97 -44.71 -23.35
CA LYS B 1 6.95 -43.92 -22.59
C LYS B 1 6.20 -44.79 -21.58
N ILE B 2 6.55 -44.63 -20.31
CA ILE B 2 5.92 -45.40 -19.24
C ILE B 2 4.40 -45.27 -19.27
N THR B 3 3.72 -46.33 -18.86
CA THR B 3 2.26 -46.38 -18.84
C THR B 3 1.69 -46.35 -17.43
N GLY B 4 0.58 -45.65 -17.27
CA GLY B 4 -0.08 -45.53 -15.98
C GLY B 4 -1.58 -45.68 -16.14
N LEU B 5 -2.25 -46.05 -15.05
CA LEU B 5 -3.70 -46.25 -15.08
C LEU B 5 -4.47 -45.27 -14.21
N LEU B 6 -5.40 -44.54 -14.84
CA LEU B 6 -6.23 -43.59 -14.13
C LEU B 6 -7.14 -44.33 -13.15
N ASP B 7 -6.85 -44.19 -11.86
CA ASP B 7 -7.62 -44.84 -10.79
C ASP B 7 -8.15 -43.75 -9.85
N GLY B 8 -9.24 -43.10 -10.24
CA GLY B 8 -9.82 -42.08 -9.39
C GLY B 8 -8.98 -40.82 -9.25
N ASP B 9 -8.35 -40.66 -8.09
CA ASP B 9 -7.52 -39.49 -7.82
C ASP B 9 -6.03 -39.82 -7.95
N ARG B 10 -5.75 -40.99 -8.52
CA ARG B 10 -4.38 -41.42 -8.68
C ARG B 10 -4.13 -42.08 -10.03
N VAL B 11 -2.86 -42.29 -10.33
CA VAL B 11 -2.45 -42.93 -11.55
C VAL B 11 -1.40 -43.95 -11.13
N ILE B 12 -1.67 -45.22 -11.44
CA ILE B 12 -0.80 -46.33 -11.07
C ILE B 12 0.11 -46.83 -12.19
N VAL B 13 1.31 -47.21 -11.79
CA VAL B 13 2.30 -47.71 -12.73
C VAL B 13 2.76 -49.06 -12.18
N PHE B 14 2.88 -50.06 -13.05
CA PHE B 14 3.32 -51.40 -12.66
C PHE B 14 4.57 -51.87 -13.38
N ASP B 15 4.81 -51.35 -14.58
CA ASP B 15 6.02 -51.75 -15.29
C ASP B 15 7.13 -51.71 -14.26
N LYS B 16 7.94 -52.76 -14.22
CA LYS B 16 9.02 -52.82 -13.26
C LYS B 16 10.01 -51.69 -13.49
N ASN B 17 10.47 -51.55 -14.72
CA ASN B 17 11.42 -50.51 -15.03
C ASN B 17 10.78 -49.13 -15.00
N GLY B 18 9.54 -49.06 -15.47
CA GLY B 18 8.84 -47.79 -15.45
C GLY B 18 8.82 -47.23 -14.04
N ILE B 19 8.55 -48.10 -13.08
CA ILE B 19 8.51 -47.70 -11.68
C ILE B 19 9.89 -47.34 -11.14
N SER B 20 10.92 -48.02 -11.63
CA SER B 20 12.28 -47.75 -11.18
C SER B 20 12.74 -46.39 -11.66
N LYS B 21 12.39 -46.06 -12.90
CA LYS B 21 12.76 -44.79 -13.51
C LYS B 21 12.14 -43.64 -12.73
N LEU B 22 10.84 -43.75 -12.49
CA LEU B 22 10.09 -42.72 -11.78
C LEU B 22 10.45 -42.60 -10.29
N SER B 23 10.81 -43.72 -9.67
CA SER B 23 11.16 -43.70 -8.25
C SER B 23 12.53 -43.06 -8.08
N ALA B 24 13.36 -43.17 -9.10
CA ALA B 24 14.68 -42.59 -9.06
C ALA B 24 14.57 -41.06 -8.96
N ARG B 25 13.71 -40.47 -9.80
CA ARG B 25 13.51 -39.03 -9.81
C ARG B 25 12.56 -38.61 -8.70
N HIS B 26 12.08 -39.61 -7.95
CA HIS B 26 11.17 -39.41 -6.82
C HIS B 26 9.75 -38.93 -7.12
N TYR B 27 9.06 -39.62 -8.02
CA TYR B 27 7.68 -39.27 -8.35
C TYR B 27 6.76 -40.30 -7.71
N GLY B 28 5.66 -39.83 -7.11
CA GLY B 28 4.69 -40.71 -6.47
C GLY B 28 5.25 -41.56 -5.35
N ASN B 29 4.40 -42.38 -4.76
CA ASN B 29 4.83 -43.28 -3.68
C ASN B 29 4.70 -44.73 -4.12
N VAL B 30 5.73 -45.53 -3.81
CA VAL B 30 5.74 -46.94 -4.16
C VAL B 30 5.01 -47.76 -3.12
N GLU B 31 3.92 -48.40 -3.53
CA GLU B 31 3.11 -49.22 -2.62
C GLU B 31 3.12 -50.66 -3.14
N GLY B 32 4.10 -51.43 -2.70
CA GLY B 32 4.19 -52.80 -3.14
C GLY B 32 4.70 -52.88 -4.57
N ASN B 33 3.99 -53.60 -5.42
CA ASN B 33 4.38 -53.75 -6.83
C ASN B 33 3.74 -52.70 -7.72
N PHE B 34 3.44 -51.54 -7.13
CA PHE B 34 2.82 -50.45 -7.86
C PHE B 34 3.41 -49.12 -7.40
N LEU B 35 3.25 -48.10 -8.24
CA LEU B 35 3.72 -46.76 -7.91
C LEU B 35 2.53 -45.84 -8.10
N SER B 36 2.19 -45.09 -7.05
CA SER B 36 1.06 -44.19 -7.16
C SER B 36 1.40 -42.72 -7.33
N LEU B 37 0.98 -42.17 -8.47
CA LEU B 37 1.21 -40.76 -8.78
C LEU B 37 -0.07 -39.98 -8.53
N SER B 38 0.07 -38.72 -8.12
CA SER B 38 -1.08 -37.86 -7.89
C SER B 38 -1.52 -37.38 -9.26
N LEU B 39 -2.64 -36.69 -9.33
CA LEU B 39 -3.12 -36.19 -10.62
C LEU B 39 -2.22 -35.06 -11.17
N VAL B 40 -1.69 -34.20 -10.29
CA VAL B 40 -0.83 -33.10 -10.70
C VAL B 40 0.46 -33.70 -11.21
N GLU B 41 0.93 -34.75 -10.55
CA GLU B 41 2.16 -35.43 -10.94
C GLU B 41 2.01 -36.04 -12.33
N ALA B 42 0.94 -36.79 -12.54
CA ALA B 42 0.70 -37.43 -13.82
C ALA B 42 0.64 -36.38 -14.95
N LEU B 43 -0.01 -35.25 -14.69
CA LEU B 43 -0.13 -34.19 -15.69
C LEU B 43 1.24 -33.65 -16.07
N TYR B 44 2.09 -33.48 -15.07
CA TYR B 44 3.44 -32.98 -15.30
C TYR B 44 4.29 -34.03 -16.02
N LEU B 45 4.11 -35.31 -15.67
CA LEU B 45 4.86 -36.39 -16.30
C LEU B 45 4.45 -36.48 -17.76
N ILE B 46 3.16 -36.29 -18.01
CA ILE B 46 2.64 -36.33 -19.37
C ILE B 46 3.24 -35.17 -20.14
N ASN B 47 3.28 -34.00 -19.49
CA ASN B 47 3.84 -32.80 -20.08
C ASN B 47 5.32 -32.99 -20.40
N LEU B 48 6.00 -33.77 -19.58
CA LEU B 48 7.42 -34.04 -19.76
C LEU B 48 7.64 -35.02 -20.91
N GLY B 49 6.61 -35.78 -21.25
CA GLY B 49 6.73 -36.74 -22.31
C GLY B 49 7.26 -38.08 -21.78
N TRP B 50 7.20 -38.28 -20.47
CA TRP B 50 7.67 -39.51 -19.84
C TRP B 50 6.53 -40.50 -19.61
N LEU B 51 5.42 -39.98 -19.09
CA LEU B 51 4.26 -40.80 -18.79
C LEU B 51 3.17 -40.76 -19.84
N GLU B 52 2.39 -41.83 -19.87
CA GLU B 52 1.27 -41.97 -20.79
C GLU B 52 0.17 -42.53 -19.90
N VAL B 53 -0.99 -41.89 -19.93
CA VAL B 53 -2.10 -42.33 -19.07
C VAL B 53 -3.37 -42.77 -19.80
N LYS B 54 -3.80 -44.00 -19.53
CA LYS B 54 -5.04 -44.50 -20.14
C LYS B 54 -6.05 -44.64 -19.03
N TYR B 55 -7.31 -44.50 -19.39
CA TYR B 55 -8.39 -44.57 -18.44
C TYR B 55 -9.32 -45.70 -18.81
N LYS B 56 -10.15 -45.47 -19.81
CA LYS B 56 -11.09 -46.48 -20.25
C LYS B 56 -10.51 -47.35 -21.36
N ASP B 57 -10.53 -46.86 -22.59
CA ASP B 57 -10.00 -47.65 -23.70
C ASP B 57 -8.50 -47.76 -23.65
N ASN B 58 -7.93 -48.33 -24.70
CA ASN B 58 -6.51 -48.50 -24.81
C ASN B 58 -5.89 -47.18 -25.29
N LYS B 59 -6.77 -46.25 -25.67
CA LYS B 59 -6.34 -44.94 -26.13
C LYS B 59 -5.95 -44.13 -24.89
N PRO B 60 -4.67 -43.79 -24.77
CA PRO B 60 -4.24 -43.01 -23.60
C PRO B 60 -4.83 -41.62 -23.68
N LEU B 61 -5.11 -41.04 -22.51
CA LEU B 61 -5.69 -39.70 -22.47
C LEU B 61 -4.66 -38.65 -22.86
N SER B 62 -5.15 -37.53 -23.36
CA SER B 62 -4.28 -36.41 -23.74
C SER B 62 -4.17 -35.52 -22.49
N PHE B 63 -3.19 -34.64 -22.46
CA PHE B 63 -3.01 -33.73 -21.33
C PHE B 63 -4.34 -33.04 -21.05
N GLU B 64 -4.98 -32.55 -22.11
CA GLU B 64 -6.26 -31.89 -22.00
C GLU B 64 -7.30 -32.83 -21.39
N GLU B 65 -7.31 -34.07 -21.86
CA GLU B 65 -8.25 -35.07 -21.37
C GLU B 65 -8.08 -35.33 -19.89
N LEU B 66 -6.83 -35.55 -19.49
CA LEU B 66 -6.53 -35.79 -18.09
C LEU B 66 -6.83 -34.53 -17.26
N TYR B 67 -6.65 -33.36 -17.86
CA TYR B 67 -6.91 -32.10 -17.16
C TYR B 67 -8.42 -32.00 -16.93
N GLU B 68 -9.19 -32.22 -17.98
CA GLU B 68 -10.65 -32.15 -17.89
C GLU B 68 -11.18 -33.06 -16.79
N TYR B 69 -10.58 -34.24 -16.68
CA TYR B 69 -10.98 -35.21 -15.66
C TYR B 69 -10.54 -34.79 -14.26
N ALA B 70 -9.30 -34.34 -14.14
CA ALA B 70 -8.74 -33.94 -12.86
C ALA B 70 -9.37 -32.68 -12.27
N ARG B 71 -9.67 -31.70 -13.11
CA ARG B 71 -10.26 -30.45 -12.62
C ARG B 71 -11.55 -30.71 -11.86
N ASN B 72 -12.22 -31.81 -12.19
CA ASN B 72 -13.48 -32.16 -11.54
C ASN B 72 -13.28 -33.16 -10.41
N VAL B 73 -12.03 -33.37 -10.03
CA VAL B 73 -11.71 -34.32 -8.97
C VAL B 73 -10.86 -33.64 -7.92
N GLU B 74 -9.80 -32.98 -8.38
CA GLU B 74 -8.89 -32.29 -7.48
C GLU B 74 -9.37 -30.85 -7.33
N GLU B 75 -8.90 -30.17 -6.29
CA GLU B 75 -9.27 -28.80 -6.02
C GLU B 75 -8.06 -27.91 -6.33
N ARG B 76 -8.32 -26.69 -6.80
CA ARG B 76 -7.24 -25.76 -7.12
C ARG B 76 -6.19 -26.40 -8.03
N LEU B 77 -6.63 -27.30 -8.88
CA LEU B 77 -5.76 -28.02 -9.79
C LEU B 77 -4.79 -27.15 -10.58
N CYS B 78 -5.28 -26.07 -11.16
CA CYS B 78 -4.42 -25.22 -11.95
C CYS B 78 -3.37 -24.49 -11.08
N LEU B 79 -3.78 -24.14 -9.86
CA LEU B 79 -2.91 -23.44 -8.92
C LEU B 79 -1.76 -24.34 -8.52
N LYS B 80 -2.11 -25.55 -8.08
CA LYS B 80 -1.12 -26.52 -7.66
C LYS B 80 -0.26 -26.97 -8.83
N TYR B 81 -0.87 -27.09 -10.02
CA TYR B 81 -0.13 -27.53 -11.19
C TYR B 81 0.92 -26.54 -11.67
N LEU B 82 0.55 -25.29 -11.86
CA LEU B 82 1.52 -24.31 -12.34
C LEU B 82 2.74 -24.23 -11.42
N VAL B 83 2.50 -24.16 -10.11
CA VAL B 83 3.59 -24.07 -9.14
C VAL B 83 4.43 -25.34 -9.05
N TYR B 84 3.75 -26.49 -9.00
CA TYR B 84 4.44 -27.77 -8.93
C TYR B 84 5.40 -27.87 -10.11
N LYS B 85 4.91 -27.57 -11.31
CA LYS B 85 5.73 -27.64 -12.51
C LYS B 85 6.94 -26.71 -12.37
N ASP B 86 6.71 -25.53 -11.81
CA ASP B 86 7.78 -24.56 -11.63
C ASP B 86 8.89 -25.09 -10.73
N LEU B 87 8.49 -25.57 -9.55
CA LEU B 87 9.46 -26.07 -8.59
C LEU B 87 10.20 -27.28 -9.12
N ARG B 88 9.49 -28.17 -9.80
CA ARG B 88 10.10 -29.36 -10.37
C ARG B 88 11.16 -28.86 -11.35
N THR B 89 10.79 -27.84 -12.12
CA THR B 89 11.67 -27.21 -13.10
C THR B 89 12.87 -26.53 -12.45
N ARG B 90 12.67 -26.00 -11.25
CA ARG B 90 13.75 -25.33 -10.53
C ARG B 90 14.70 -26.34 -9.90
N GLY B 91 14.43 -27.63 -10.15
CA GLY B 91 15.28 -28.69 -9.64
C GLY B 91 14.91 -29.28 -8.29
N TYR B 92 13.69 -29.01 -7.84
CA TYR B 92 13.22 -29.52 -6.54
C TYR B 92 12.49 -30.87 -6.59
N ILE B 93 12.54 -31.59 -5.48
CA ILE B 93 11.80 -32.83 -5.37
C ILE B 93 10.59 -32.36 -4.59
N VAL B 94 9.45 -32.28 -5.27
CA VAL B 94 8.22 -31.81 -4.65
C VAL B 94 7.37 -32.97 -4.17
N LYS B 95 6.97 -32.92 -2.90
CA LYS B 95 6.11 -33.95 -2.34
C LYS B 95 4.98 -33.23 -1.62
N THR B 96 3.86 -33.93 -1.42
CA THR B 96 2.72 -33.33 -0.75
C THR B 96 3.10 -32.68 0.58
N GLY B 97 2.36 -31.64 0.94
CA GLY B 97 2.60 -30.95 2.19
C GLY B 97 1.39 -31.19 3.05
N LEU B 98 0.52 -32.06 2.56
CA LEU B 98 -0.71 -32.43 3.25
C LEU B 98 -0.52 -32.60 4.75
N LYS B 99 0.49 -33.37 5.13
CA LYS B 99 0.77 -33.63 6.53
C LYS B 99 0.84 -32.36 7.38
N TYR B 100 1.24 -31.25 6.78
CA TYR B 100 1.37 -29.98 7.50
C TYR B 100 0.32 -28.96 7.11
N GLY B 101 -0.61 -29.36 6.25
CA GLY B 101 -1.64 -28.45 5.81
C GLY B 101 -1.18 -27.61 4.63
N ALA B 102 0.10 -27.77 4.26
CA ALA B 102 0.69 -27.03 3.15
C ALA B 102 0.39 -27.75 1.85
N ASP B 103 0.58 -27.06 0.74
CA ASP B 103 0.33 -27.66 -0.56
C ASP B 103 1.44 -28.66 -0.88
N PHE B 104 2.67 -28.21 -0.72
CA PHE B 104 3.84 -29.06 -0.98
C PHE B 104 4.84 -28.96 0.15
N ARG B 105 5.84 -29.82 0.08
CA ARG B 105 6.93 -29.81 1.04
C ARG B 105 8.09 -30.15 0.13
N LEU B 106 9.17 -29.38 0.22
CA LEU B 106 10.32 -29.63 -0.65
C LEU B 106 11.62 -29.94 0.05
N TYR B 107 12.49 -30.63 -0.65
CA TYR B 107 13.80 -30.96 -0.13
C TYR B 107 14.74 -29.99 -0.80
N GLU B 108 15.82 -29.66 -0.11
CA GLU B 108 16.80 -28.76 -0.67
C GLU B 108 17.18 -29.30 -2.04
N ARG B 109 17.66 -28.43 -2.92
CA ARG B 109 18.08 -28.87 -4.23
C ARG B 109 19.35 -29.67 -4.03
N GLY B 110 19.45 -30.82 -4.69
CA GLY B 110 20.63 -31.66 -4.56
C GLY B 110 20.66 -32.43 -3.24
N ALA B 111 19.56 -32.35 -2.50
CA ALA B 111 19.46 -33.04 -1.23
C ALA B 111 19.38 -34.55 -1.42
N ASN B 112 20.02 -35.27 -0.52
CA ASN B 112 20.00 -36.73 -0.58
C ASN B 112 18.74 -37.11 0.20
N ILE B 113 17.66 -37.37 -0.53
CA ILE B 113 16.38 -37.73 0.11
C ILE B 113 16.53 -38.88 1.09
N ASP B 114 17.62 -39.63 0.96
CA ASP B 114 17.87 -40.77 1.83
C ASP B 114 18.06 -40.36 3.28
N LYS B 115 19.01 -39.47 3.52
CA LYS B 115 19.30 -39.05 4.89
C LYS B 115 18.68 -37.70 5.25
N GLU B 116 18.27 -36.92 4.26
CA GLU B 116 17.71 -35.60 4.51
C GLU B 116 16.18 -35.52 4.59
N HIS B 117 15.70 -34.54 5.36
CA HIS B 117 14.27 -34.32 5.53
C HIS B 117 13.84 -33.15 4.64
N SER B 118 12.54 -32.86 4.58
CA SER B 118 12.09 -31.75 3.76
C SER B 118 12.43 -30.46 4.47
N VAL B 119 12.71 -29.40 3.69
CA VAL B 119 13.07 -28.11 4.28
C VAL B 119 11.97 -27.03 4.11
N TYR B 120 11.33 -26.96 2.94
CA TYR B 120 10.29 -25.96 2.70
C TYR B 120 8.87 -26.49 2.70
N LEU B 121 7.96 -25.68 3.24
CA LEU B 121 6.54 -26.00 3.27
C LEU B 121 6.00 -24.96 2.30
N VAL B 122 5.30 -25.40 1.26
CA VAL B 122 4.80 -24.46 0.28
C VAL B 122 3.29 -24.33 0.27
N LYS B 123 2.83 -23.08 0.24
CA LYS B 123 1.40 -22.77 0.20
C LYS B 123 1.18 -21.81 -0.98
N VAL B 124 0.37 -22.23 -1.95
CA VAL B 124 0.10 -21.39 -3.12
C VAL B 124 -1.10 -20.49 -2.94
N PHE B 125 -0.99 -19.28 -3.49
CA PHE B 125 -2.03 -18.28 -3.41
C PHE B 125 -2.22 -17.52 -4.74
N PRO B 126 -3.47 -17.24 -5.13
CA PRO B 126 -3.69 -16.50 -6.37
C PRO B 126 -3.62 -15.02 -5.95
N GLU B 127 -2.97 -14.18 -6.75
CA GLU B 127 -2.80 -12.76 -6.44
C GLU B 127 -4.08 -11.99 -6.15
N ASP B 128 -5.10 -12.20 -6.97
CA ASP B 128 -6.36 -11.46 -6.84
C ASP B 128 -7.39 -11.92 -5.81
N SER B 129 -7.00 -12.83 -4.92
CA SER B 129 -7.95 -13.27 -3.92
C SER B 129 -7.47 -12.92 -2.53
N SER B 130 -8.28 -12.14 -1.82
CA SER B 130 -7.96 -11.73 -0.46
C SER B 130 -8.29 -12.83 0.53
N PHE B 131 -7.60 -12.83 1.66
CA PHE B 131 -7.85 -13.82 2.69
C PHE B 131 -7.40 -13.29 4.04
N LEU B 132 -7.71 -14.05 5.10
CA LEU B 132 -7.35 -13.63 6.44
C LEU B 132 -5.87 -13.71 6.64
N LEU B 133 -5.30 -12.66 7.20
CA LEU B 133 -3.88 -12.62 7.45
C LEU B 133 -3.45 -13.74 8.38
N SER B 134 -4.36 -14.18 9.25
CA SER B 134 -4.08 -15.24 10.19
C SER B 134 -3.79 -16.53 9.45
N GLU B 135 -4.22 -16.60 8.20
CA GLU B 135 -3.97 -17.78 7.39
C GLU B 135 -2.46 -17.90 7.21
N LEU B 136 -1.80 -16.78 6.95
CA LEU B 136 -0.35 -16.72 6.76
C LEU B 136 0.42 -16.92 8.06
N THR B 137 0.08 -16.13 9.08
CA THR B 137 0.75 -16.22 10.37
C THR B 137 0.64 -17.64 10.90
N GLY B 138 -0.45 -18.31 10.55
CA GLY B 138 -0.64 -19.68 10.99
C GLY B 138 0.40 -20.61 10.38
N PHE B 139 0.65 -20.44 9.08
CA PHE B 139 1.63 -21.26 8.38
C PHE B 139 3.03 -20.98 8.91
N VAL B 140 3.28 -19.73 9.28
CA VAL B 140 4.59 -19.39 9.80
C VAL B 140 4.79 -20.16 11.12
N ARG B 141 3.73 -20.33 11.88
CA ARG B 141 3.82 -21.04 13.15
C ARG B 141 4.03 -22.55 12.95
N VAL B 142 3.30 -23.14 12.01
CA VAL B 142 3.43 -24.57 11.72
C VAL B 142 4.82 -24.85 11.19
N ALA B 143 5.21 -24.07 10.20
CA ALA B 143 6.52 -24.24 9.59
C ALA B 143 7.56 -24.26 10.73
N HIS B 144 7.51 -23.20 11.52
CA HIS B 144 8.42 -23.02 12.63
C HIS B 144 8.38 -24.16 13.64
N SER B 145 7.19 -24.65 13.95
CA SER B 145 7.04 -25.73 14.91
C SER B 145 7.79 -26.98 14.44
N VAL B 146 7.84 -27.19 13.12
CA VAL B 146 8.51 -28.35 12.58
C VAL B 146 9.89 -28.04 12.00
N ARG B 147 10.52 -26.98 12.50
CA ARG B 147 11.84 -26.60 12.03
C ARG B 147 11.89 -26.59 10.51
N LYS B 148 10.91 -25.95 9.88
CA LYS B 148 10.86 -25.87 8.43
C LYS B 148 10.59 -24.41 8.02
N LYS B 149 11.04 -24.04 6.82
CA LYS B 149 10.82 -22.68 6.32
C LYS B 149 9.54 -22.61 5.50
N LEU B 150 8.77 -21.53 5.64
CA LEU B 150 7.54 -21.37 4.88
C LEU B 150 7.85 -20.66 3.57
N LEU B 151 7.25 -21.13 2.50
CA LEU B 151 7.46 -20.54 1.20
C LEU B 151 6.12 -20.20 0.59
N ILE B 152 5.89 -18.90 0.38
CA ILE B 152 4.64 -18.45 -0.19
C ILE B 152 4.80 -18.33 -1.71
N ALA B 153 4.09 -19.19 -2.43
CA ALA B 153 4.13 -19.19 -3.88
C ALA B 153 2.89 -18.49 -4.42
N ILE B 154 3.08 -17.32 -5.00
CA ILE B 154 1.98 -16.58 -5.56
C ILE B 154 1.92 -16.77 -7.05
N VAL B 155 0.72 -16.99 -7.57
CA VAL B 155 0.54 -17.10 -9.00
C VAL B 155 -0.05 -15.73 -9.29
N ASP B 156 0.71 -14.86 -9.92
CA ASP B 156 0.22 -13.52 -10.20
C ASP B 156 -0.75 -13.55 -11.38
N ALA B 157 -1.42 -12.41 -11.60
CA ALA B 157 -2.40 -12.28 -12.66
C ALA B 157 -1.85 -12.61 -14.03
N ASP B 158 -0.54 -12.64 -14.15
CA ASP B 158 0.09 -12.95 -15.44
C ASP B 158 0.40 -14.43 -15.57
N GLY B 159 0.00 -15.20 -14.56
CA GLY B 159 0.24 -16.63 -14.61
C GLY B 159 1.64 -17.03 -14.19
N ASP B 160 2.43 -16.05 -13.76
CA ASP B 160 3.80 -16.32 -13.31
C ASP B 160 3.83 -16.55 -11.80
N ILE B 161 4.83 -17.32 -11.33
CA ILE B 161 4.92 -17.59 -9.91
C ILE B 161 6.00 -16.72 -9.26
N VAL B 162 5.62 -16.09 -8.16
CA VAL B 162 6.51 -15.23 -7.39
C VAL B 162 6.57 -15.83 -5.99
N TYR B 163 7.78 -16.03 -5.47
CA TYR B 163 7.94 -16.64 -4.17
C TYR B 163 8.45 -15.70 -3.10
N TYR B 164 7.90 -15.87 -1.89
CA TYR B 164 8.29 -15.06 -0.75
C TYR B 164 8.50 -15.93 0.46
N ASN B 165 9.48 -15.55 1.26
CA ASN B 165 9.79 -16.26 2.48
C ASN B 165 9.33 -15.36 3.61
N MET B 166 8.61 -15.92 4.58
CA MET B 166 8.11 -15.14 5.70
C MET B 166 8.54 -15.77 7.03
N THR B 167 9.07 -14.94 7.93
CA THR B 167 9.52 -15.46 9.22
C THR B 167 9.26 -14.58 10.43
N TYR B 168 9.46 -15.17 11.61
CA TYR B 168 9.29 -14.47 12.87
C TYR B 168 10.52 -13.59 13.04
N VAL B 169 10.37 -12.49 13.75
CA VAL B 169 11.47 -11.56 14.02
C VAL B 169 11.32 -10.94 15.39
N LYS B 170 12.44 -10.60 16.01
CA LYS B 170 12.42 -9.97 17.31
C LYS B 170 13.15 -8.64 17.16
N PRO B 171 12.41 -7.54 16.96
CA PRO B 171 13.08 -6.25 16.81
C PRO B 171 13.87 -5.93 18.08
N LYS C 1 -14.24 -18.27 -32.58
CA LYS C 1 -14.60 -18.06 -31.14
C LYS C 1 -13.90 -19.05 -30.22
N ILE C 2 -12.72 -18.66 -29.73
CA ILE C 2 -11.93 -19.52 -28.82
C ILE C 2 -12.76 -19.84 -27.59
N THR C 3 -12.58 -21.05 -27.06
CA THR C 3 -13.31 -21.44 -25.86
C THR C 3 -12.32 -21.87 -24.78
N GLY C 4 -12.53 -21.38 -23.57
CA GLY C 4 -11.67 -21.70 -22.45
C GLY C 4 -12.43 -22.37 -21.33
N LEU C 5 -11.69 -22.90 -20.38
CA LEU C 5 -12.26 -23.59 -19.24
C LEU C 5 -12.10 -22.80 -17.96
N LEU C 6 -13.20 -22.44 -17.31
CA LEU C 6 -13.09 -21.71 -16.06
C LEU C 6 -12.62 -22.73 -15.04
N ASP C 7 -11.47 -22.45 -14.42
CA ASP C 7 -10.86 -23.32 -13.41
C ASP C 7 -10.39 -22.49 -12.21
N GLY C 8 -11.33 -22.11 -11.36
CA GLY C 8 -10.97 -21.33 -10.20
C GLY C 8 -10.69 -19.87 -10.51
N ASP C 9 -9.43 -19.48 -10.40
CA ASP C 9 -9.02 -18.10 -10.64
C ASP C 9 -8.60 -17.81 -12.07
N ARG C 10 -8.43 -18.85 -12.89
CA ARG C 10 -8.02 -18.65 -14.26
C ARG C 10 -8.82 -19.45 -15.29
N VAL C 11 -8.63 -19.11 -16.57
CA VAL C 11 -9.32 -19.78 -17.67
C VAL C 11 -8.30 -20.49 -18.56
N ILE C 12 -8.50 -21.79 -18.77
CA ILE C 12 -7.60 -22.61 -19.59
C ILE C 12 -8.02 -22.70 -21.04
N VAL C 13 -7.07 -22.45 -21.93
CA VAL C 13 -7.32 -22.51 -23.37
C VAL C 13 -6.38 -23.57 -23.92
N PHE C 14 -6.97 -24.60 -24.51
CA PHE C 14 -6.19 -25.71 -25.08
C PHE C 14 -6.02 -25.58 -26.59
N ASP C 15 -7.03 -25.03 -27.26
CA ASP C 15 -6.97 -24.86 -28.70
C ASP C 15 -5.67 -24.19 -29.13
N LYS C 16 -4.83 -24.94 -29.83
CA LYS C 16 -3.55 -24.43 -30.30
C LYS C 16 -3.71 -23.17 -31.14
N ASN C 17 -4.90 -23.02 -31.73
CA ASN C 17 -5.20 -21.86 -32.56
C ASN C 17 -5.45 -20.62 -31.71
N GLY C 18 -6.33 -20.76 -30.72
CA GLY C 18 -6.63 -19.65 -29.83
C GLY C 18 -5.37 -19.25 -29.10
N ILE C 19 -4.55 -20.24 -28.74
CA ILE C 19 -3.30 -19.98 -28.04
C ILE C 19 -2.42 -19.04 -28.86
N SER C 20 -2.38 -19.26 -30.17
CA SER C 20 -1.57 -18.41 -31.04
C SER C 20 -2.19 -17.01 -31.12
N LYS C 21 -3.50 -16.95 -31.31
CA LYS C 21 -4.23 -15.70 -31.42
C LYS C 21 -4.06 -14.84 -30.17
N LEU C 22 -4.41 -15.40 -29.02
CA LEU C 22 -4.30 -14.70 -27.75
C LEU C 22 -2.85 -14.31 -27.43
N SER C 23 -1.94 -15.26 -27.60
CA SER C 23 -0.52 -15.04 -27.35
C SER C 23 0.04 -13.88 -28.17
N ALA C 24 -0.41 -13.77 -29.42
CA ALA C 24 0.02 -12.71 -30.33
C ALA C 24 -0.32 -11.32 -29.76
N ARG C 25 -1.58 -11.14 -29.36
CA ARG C 25 -2.02 -9.87 -28.80
C ARG C 25 -1.68 -9.75 -27.30
N HIS C 26 -0.76 -10.59 -26.85
CA HIS C 26 -0.30 -10.59 -25.46
C HIS C 26 -1.30 -10.94 -24.37
N TYR C 27 -2.17 -11.91 -24.63
CA TYR C 27 -3.16 -12.33 -23.65
C TYR C 27 -2.77 -13.65 -22.99
N GLY C 28 -2.97 -13.71 -21.67
CA GLY C 28 -2.69 -14.91 -20.90
C GLY C 28 -1.25 -15.38 -20.86
N ASN C 29 -1.05 -16.58 -20.31
CA ASN C 29 0.28 -17.17 -20.19
C ASN C 29 0.29 -18.55 -20.85
N VAL C 30 1.28 -18.78 -21.71
CA VAL C 30 1.42 -20.05 -22.42
C VAL C 30 2.24 -21.08 -21.61
N GLU C 31 1.54 -21.91 -20.84
CA GLU C 31 2.21 -22.92 -20.03
C GLU C 31 2.96 -23.90 -20.91
N GLY C 32 2.48 -24.08 -22.13
CA GLY C 32 3.11 -25.00 -23.05
C GLY C 32 2.05 -25.95 -23.56
N ASN C 33 1.30 -26.55 -22.63
CA ASN C 33 0.25 -27.49 -22.98
C ASN C 33 -1.08 -26.75 -23.08
N PHE C 34 -1.10 -25.55 -22.54
CA PHE C 34 -2.28 -24.70 -22.59
C PHE C 34 -1.87 -23.26 -22.37
N LEU C 35 -2.84 -22.36 -22.47
CA LEU C 35 -2.59 -20.94 -22.22
C LEU C 35 -3.65 -20.62 -21.17
N SER C 36 -3.30 -19.84 -20.16
CA SER C 36 -4.27 -19.49 -19.13
C SER C 36 -4.45 -17.97 -19.09
N LEU C 37 -5.68 -17.54 -18.89
CA LEU C 37 -5.99 -16.12 -18.81
C LEU C 37 -6.48 -15.85 -17.41
N SER C 38 -6.31 -14.62 -16.96
CA SER C 38 -6.79 -14.25 -15.65
C SER C 38 -8.29 -14.04 -15.81
N LEU C 39 -9.02 -13.90 -14.70
CA LEU C 39 -10.47 -13.70 -14.78
C LEU C 39 -10.80 -12.37 -15.47
N VAL C 40 -10.03 -11.34 -15.16
CA VAL C 40 -10.24 -10.02 -15.76
C VAL C 40 -10.02 -10.13 -17.28
N GLU C 41 -8.96 -10.83 -17.66
CA GLU C 41 -8.64 -11.03 -19.07
C GLU C 41 -9.76 -11.77 -19.80
N ALA C 42 -10.25 -12.83 -19.19
CA ALA C 42 -11.31 -13.63 -19.80
C ALA C 42 -12.58 -12.81 -19.97
N LEU C 43 -12.91 -12.00 -18.95
CA LEU C 43 -14.09 -11.15 -18.99
C LEU C 43 -13.99 -10.23 -20.20
N TYR C 44 -12.82 -9.61 -20.33
CA TYR C 44 -12.54 -8.68 -21.40
C TYR C 44 -12.67 -9.32 -22.78
N LEU C 45 -12.17 -10.55 -22.90
CA LEU C 45 -12.20 -11.28 -24.16
C LEU C 45 -13.59 -11.76 -24.53
N ILE C 46 -14.39 -12.07 -23.53
CA ILE C 46 -15.78 -12.49 -23.79
C ILE C 46 -16.42 -11.24 -24.39
N ASN C 47 -16.26 -10.13 -23.67
CA ASN C 47 -16.78 -8.82 -24.04
C ASN C 47 -16.31 -8.44 -25.44
N LEU C 48 -15.07 -8.76 -25.76
CA LEU C 48 -14.53 -8.47 -27.09
C LEU C 48 -15.14 -9.42 -28.12
N GLY C 49 -15.86 -10.43 -27.64
CA GLY C 49 -16.48 -11.39 -28.53
C GLY C 49 -15.53 -12.49 -29.02
N TRP C 50 -14.26 -12.39 -28.64
CA TRP C 50 -13.26 -13.37 -29.04
C TRP C 50 -13.35 -14.71 -28.30
N LEU C 51 -13.85 -14.67 -27.07
CA LEU C 51 -13.86 -15.88 -26.25
C LEU C 51 -15.19 -16.40 -25.72
N GLU C 52 -15.17 -17.68 -25.38
CA GLU C 52 -16.31 -18.40 -24.84
C GLU C 52 -15.77 -19.08 -23.59
N VAL C 53 -16.52 -19.08 -22.52
CA VAL C 53 -16.05 -19.71 -21.30
C VAL C 53 -17.08 -20.70 -20.78
N LYS C 54 -16.63 -21.93 -20.48
CA LYS C 54 -17.49 -22.98 -19.97
C LYS C 54 -16.97 -23.45 -18.61
N TYR C 55 -17.87 -23.61 -17.65
CA TYR C 55 -17.48 -24.04 -16.30
C TYR C 55 -17.71 -25.53 -16.08
N LYS C 56 -18.59 -25.88 -15.15
CA LYS C 56 -18.88 -27.29 -14.87
C LYS C 56 -20.00 -27.78 -15.80
N ASP C 57 -19.89 -27.47 -17.07
CA ASP C 57 -20.89 -27.86 -18.05
C ASP C 57 -20.52 -27.32 -19.43
N ASN C 58 -21.10 -27.91 -20.48
CA ASN C 58 -20.82 -27.49 -21.85
C ASN C 58 -21.59 -26.26 -22.30
N LYS C 59 -22.20 -25.56 -21.35
CA LYS C 59 -22.96 -24.35 -21.67
C LYS C 59 -22.11 -23.15 -21.25
N PRO C 60 -21.64 -22.36 -22.22
CA PRO C 60 -20.81 -21.19 -21.95
C PRO C 60 -21.49 -20.20 -21.01
N LEU C 61 -20.70 -19.58 -20.13
CA LEU C 61 -21.22 -18.60 -19.19
C LEU C 61 -21.37 -17.28 -19.91
N SER C 62 -22.42 -16.52 -19.57
CA SER C 62 -22.61 -15.24 -20.20
C SER C 62 -21.62 -14.32 -19.52
N PHE C 63 -21.40 -13.16 -20.12
CA PHE C 63 -20.49 -12.18 -19.55
C PHE C 63 -20.90 -11.91 -18.10
N GLU C 64 -22.18 -11.65 -17.91
CA GLU C 64 -22.74 -11.38 -16.59
C GLU C 64 -22.54 -12.56 -15.64
N GLU C 65 -22.49 -13.76 -16.22
CA GLU C 65 -22.30 -14.99 -15.46
C GLU C 65 -20.88 -15.06 -14.92
N LEU C 66 -19.92 -15.12 -15.82
CA LEU C 66 -18.52 -15.17 -15.41
C LEU C 66 -18.25 -13.99 -14.50
N TYR C 67 -18.71 -12.81 -14.92
CA TYR C 67 -18.50 -11.60 -14.14
C TYR C 67 -18.91 -11.74 -12.67
N GLU C 68 -20.09 -12.31 -12.43
CA GLU C 68 -20.57 -12.50 -11.05
C GLU C 68 -19.68 -13.48 -10.30
N TYR C 69 -19.26 -14.54 -10.99
CA TYR C 69 -18.38 -15.55 -10.41
C TYR C 69 -17.14 -14.83 -9.91
N ALA C 70 -16.48 -14.15 -10.83
CA ALA C 70 -15.25 -13.40 -10.55
C ALA C 70 -15.42 -12.37 -9.43
N ARG C 71 -16.52 -11.62 -9.48
CA ARG C 71 -16.81 -10.62 -8.47
C ARG C 71 -16.75 -11.29 -7.11
N ASN C 72 -17.21 -12.54 -7.07
CA ASN C 72 -17.25 -13.29 -5.83
C ASN C 72 -15.91 -13.84 -5.34
N VAL C 73 -15.02 -14.22 -6.25
CA VAL C 73 -13.71 -14.76 -5.85
C VAL C 73 -12.61 -13.71 -5.76
N GLU C 74 -12.87 -12.51 -6.25
CA GLU C 74 -11.86 -11.46 -6.22
C GLU C 74 -12.41 -10.14 -5.70
N GLU C 75 -11.89 -9.70 -4.57
CA GLU C 75 -12.29 -8.46 -3.92
C GLU C 75 -12.56 -7.27 -4.86
N ARG C 76 -11.51 -6.77 -5.50
CA ARG C 76 -11.63 -5.61 -6.38
C ARG C 76 -11.83 -5.86 -7.87
N LEU C 77 -12.40 -7.02 -8.22
CA LEU C 77 -12.63 -7.35 -9.62
C LEU C 77 -13.25 -6.25 -10.45
N CYS C 78 -14.23 -5.56 -9.89
CA CYS C 78 -14.91 -4.48 -10.60
C CYS C 78 -13.94 -3.37 -11.05
N LEU C 79 -13.21 -2.81 -10.09
CA LEU C 79 -12.25 -1.75 -10.37
C LEU C 79 -11.22 -2.15 -11.41
N LYS C 80 -10.54 -3.25 -11.12
CA LYS C 80 -9.50 -3.77 -12.02
C LYS C 80 -10.02 -4.08 -13.41
N TYR C 81 -11.22 -4.64 -13.51
CA TYR C 81 -11.75 -4.97 -14.83
C TYR C 81 -11.94 -3.70 -15.62
N LEU C 82 -12.67 -2.76 -15.03
CA LEU C 82 -12.94 -1.48 -15.64
C LEU C 82 -11.69 -0.76 -16.14
N VAL C 83 -10.67 -0.67 -15.29
CA VAL C 83 -9.42 0.00 -15.68
C VAL C 83 -8.61 -0.82 -16.68
N TYR C 84 -8.66 -2.15 -16.56
CA TYR C 84 -7.94 -3.02 -17.48
C TYR C 84 -8.53 -2.82 -18.89
N LYS C 85 -9.84 -2.98 -19.00
CA LYS C 85 -10.54 -2.82 -20.25
C LYS C 85 -10.25 -1.46 -20.86
N ASP C 86 -10.25 -0.42 -20.03
CA ASP C 86 -9.98 0.92 -20.54
C ASP C 86 -8.56 1.11 -21.07
N LEU C 87 -7.56 0.67 -20.30
CA LEU C 87 -6.17 0.82 -20.74
C LEU C 87 -5.84 -0.10 -21.91
N ARG C 88 -6.50 -1.25 -21.97
CA ARG C 88 -6.29 -2.20 -23.06
C ARG C 88 -6.84 -1.53 -24.31
N THR C 89 -8.03 -0.94 -24.16
CA THR C 89 -8.69 -0.25 -25.24
C THR C 89 -7.83 0.89 -25.77
N ARG C 90 -7.13 1.59 -24.88
CA ARG C 90 -6.26 2.69 -25.30
C ARG C 90 -5.04 2.15 -26.03
N GLY C 91 -4.93 0.82 -26.12
CA GLY C 91 -3.83 0.22 -26.83
C GLY C 91 -2.66 -0.28 -25.99
N TYR C 92 -2.70 -0.08 -24.68
CA TYR C 92 -1.62 -0.52 -23.82
C TYR C 92 -1.63 -2.03 -23.58
N ILE C 93 -0.45 -2.58 -23.33
CA ILE C 93 -0.33 -3.99 -23.01
C ILE C 93 -0.36 -3.99 -21.49
N VAL C 94 -1.51 -4.38 -20.93
CA VAL C 94 -1.71 -4.40 -19.49
C VAL C 94 -1.31 -5.71 -18.81
N LYS C 95 -0.34 -5.62 -17.91
CA LYS C 95 0.18 -6.76 -17.14
C LYS C 95 0.02 -6.45 -15.66
N THR C 96 0.38 -7.39 -14.79
CA THR C 96 0.23 -7.17 -13.36
C THR C 96 1.34 -6.32 -12.77
N GLY C 97 0.99 -5.55 -11.74
CA GLY C 97 1.97 -4.69 -11.09
C GLY C 97 2.26 -5.17 -9.69
N LEU C 98 1.91 -6.43 -9.41
CA LEU C 98 2.12 -7.02 -8.09
C LEU C 98 3.49 -6.76 -7.49
N LYS C 99 4.55 -7.05 -8.25
CA LYS C 99 5.90 -6.85 -7.73
C LYS C 99 6.17 -5.47 -7.15
N TYR C 100 5.36 -4.48 -7.54
CA TYR C 100 5.53 -3.12 -7.06
C TYR C 100 4.39 -2.68 -6.17
N GLY C 101 3.49 -3.59 -5.83
CA GLY C 101 2.38 -3.24 -4.97
C GLY C 101 1.30 -2.48 -5.73
N ALA C 102 1.37 -2.53 -7.05
CA ALA C 102 0.41 -1.84 -7.90
C ALA C 102 -0.53 -2.83 -8.61
N ASP C 103 -1.61 -2.32 -9.20
CA ASP C 103 -2.58 -3.15 -9.90
C ASP C 103 -2.02 -3.66 -11.23
N PHE C 104 -1.57 -2.72 -12.07
CA PHE C 104 -1.02 -3.08 -13.37
C PHE C 104 0.29 -2.36 -13.66
N ARG C 105 0.95 -2.79 -14.72
CA ARG C 105 2.19 -2.18 -15.20
C ARG C 105 1.89 -2.16 -16.70
N LEU C 106 2.16 -1.04 -17.38
CA LEU C 106 1.82 -0.95 -18.79
C LEU C 106 2.97 -0.81 -19.77
N TYR C 107 2.78 -1.41 -20.94
CA TYR C 107 3.75 -1.36 -22.03
C TYR C 107 3.05 -0.65 -23.18
N GLU C 108 3.83 0.03 -24.02
CA GLU C 108 3.27 0.73 -25.16
C GLU C 108 2.71 -0.32 -26.11
N ARG C 109 1.72 0.07 -26.89
CA ARG C 109 1.08 -0.82 -27.85
C ARG C 109 2.11 -1.51 -28.75
N GLY C 110 3.18 -0.80 -29.09
CA GLY C 110 4.17 -1.38 -29.96
C GLY C 110 5.37 -1.85 -29.19
N ALA C 111 5.19 -2.11 -27.90
CA ALA C 111 6.30 -2.56 -27.07
C ALA C 111 6.59 -4.05 -27.23
N ASN C 112 7.86 -4.40 -27.12
CA ASN C 112 8.29 -5.80 -27.16
C ASN C 112 8.50 -6.07 -25.68
N ILE C 113 7.43 -6.44 -24.99
CA ILE C 113 7.51 -6.68 -23.55
C ILE C 113 8.59 -7.66 -23.11
N ASP C 114 9.16 -8.40 -24.05
CA ASP C 114 10.21 -9.35 -23.71
C ASP C 114 11.54 -8.64 -23.54
N LYS C 115 11.75 -7.60 -24.35
CA LYS C 115 12.98 -6.82 -24.32
C LYS C 115 12.80 -5.51 -23.56
N GLU C 116 11.61 -4.94 -23.62
CA GLU C 116 11.30 -3.67 -22.98
C GLU C 116 10.81 -3.74 -21.52
N HIS C 117 10.89 -2.59 -20.86
CA HIS C 117 10.46 -2.42 -19.48
C HIS C 117 9.09 -1.73 -19.52
N SER C 118 8.25 -1.97 -18.51
CA SER C 118 6.95 -1.32 -18.47
C SER C 118 7.21 0.16 -18.26
N VAL C 119 6.37 1.00 -18.85
CA VAL C 119 6.53 2.44 -18.76
C VAL C 119 5.60 3.11 -17.74
N TYR C 120 4.58 2.36 -17.30
CA TYR C 120 3.62 2.86 -16.32
C TYR C 120 3.35 1.83 -15.23
N LEU C 121 3.03 2.35 -14.04
CA LEU C 121 2.66 1.53 -12.89
C LEU C 121 1.27 2.10 -12.59
N VAL C 122 0.28 1.25 -12.43
CA VAL C 122 -1.07 1.75 -12.17
C VAL C 122 -1.69 1.26 -10.88
N LYS C 123 -2.37 2.17 -10.17
CA LYS C 123 -3.07 1.82 -8.93
C LYS C 123 -4.49 2.33 -9.07
N VAL C 124 -5.46 1.47 -8.74
CA VAL C 124 -6.87 1.81 -8.87
C VAL C 124 -7.56 2.14 -7.56
N PHE C 125 -8.51 3.05 -7.62
CA PHE C 125 -9.28 3.47 -6.45
C PHE C 125 -10.72 3.82 -6.76
N PRO C 126 -11.62 3.57 -5.81
CA PRO C 126 -13.03 3.90 -5.99
C PRO C 126 -13.10 5.33 -5.46
N GLU C 127 -13.50 6.28 -6.30
CA GLU C 127 -13.54 7.67 -5.91
C GLU C 127 -14.26 8.05 -4.62
N ASP C 128 -15.47 7.53 -4.45
CA ASP C 128 -16.28 7.85 -3.28
C ASP C 128 -16.06 6.93 -2.09
N SER C 129 -14.81 6.77 -1.70
CA SER C 129 -14.45 5.92 -0.58
C SER C 129 -13.32 6.59 0.20
N SER C 130 -13.34 6.44 1.52
CA SER C 130 -12.31 7.04 2.35
C SER C 130 -10.98 6.33 2.18
N PHE C 131 -9.90 7.09 2.07
CA PHE C 131 -8.58 6.50 1.91
C PHE C 131 -7.58 7.22 2.80
N LEU C 132 -6.41 6.61 2.99
CA LEU C 132 -5.34 7.23 3.80
C LEU C 132 -4.24 7.61 2.82
N LEU C 133 -3.65 8.78 3.00
CA LEU C 133 -2.63 9.25 2.09
C LEU C 133 -1.41 8.35 1.91
N SER C 134 -1.03 7.61 2.94
CA SER C 134 0.11 6.71 2.82
C SER C 134 -0.15 5.72 1.69
N GLU C 135 -1.39 5.62 1.27
CA GLU C 135 -1.75 4.71 0.19
C GLU C 135 -1.24 5.22 -1.16
N LEU C 136 -1.14 6.53 -1.31
CA LEU C 136 -0.66 7.13 -2.56
C LEU C 136 0.80 7.47 -2.40
N THR C 137 1.08 7.94 -1.20
CA THR C 137 2.40 8.36 -0.81
C THR C 137 3.47 7.29 -1.04
N GLY C 138 3.16 6.04 -0.70
CA GLY C 138 4.13 4.98 -0.90
C GLY C 138 4.23 4.60 -2.37
N PHE C 139 3.10 4.67 -3.06
CA PHE C 139 3.00 4.35 -4.48
C PHE C 139 3.88 5.31 -5.26
N VAL C 140 3.77 6.59 -4.91
CA VAL C 140 4.56 7.61 -5.57
C VAL C 140 6.03 7.24 -5.42
N ARG C 141 6.40 6.83 -4.21
CA ARG C 141 7.77 6.45 -3.88
C ARG C 141 8.30 5.27 -4.72
N VAL C 142 7.61 4.15 -4.68
CA VAL C 142 8.02 2.98 -5.45
C VAL C 142 8.16 3.37 -6.91
N ALA C 143 7.14 4.03 -7.45
CA ALA C 143 7.14 4.44 -8.84
C ALA C 143 8.43 5.20 -9.11
N HIS C 144 8.87 5.99 -8.14
CA HIS C 144 10.09 6.77 -8.29
C HIS C 144 11.34 5.90 -8.28
N SER C 145 11.53 5.14 -7.21
CA SER C 145 12.70 4.28 -7.08
C SER C 145 12.86 3.40 -8.30
N VAL C 146 11.78 2.77 -8.76
CA VAL C 146 11.87 1.89 -9.92
C VAL C 146 11.86 2.68 -11.23
N ARG C 147 11.98 4.00 -11.11
CA ARG C 147 12.01 4.89 -12.27
C ARG C 147 10.93 4.63 -13.31
N LYS C 148 9.68 4.80 -12.91
CA LYS C 148 8.53 4.58 -13.80
C LYS C 148 7.47 5.67 -13.65
N LYS C 149 6.66 5.85 -14.69
CA LYS C 149 5.58 6.84 -14.68
C LYS C 149 4.43 6.19 -13.91
N LEU C 150 3.64 6.97 -13.20
CA LEU C 150 2.53 6.40 -12.46
C LEU C 150 1.16 6.92 -12.86
N LEU C 151 0.13 6.12 -12.62
CA LEU C 151 -1.23 6.51 -12.94
C LEU C 151 -2.09 6.09 -11.78
N ILE C 152 -2.87 7.02 -11.25
CA ILE C 152 -3.77 6.72 -10.17
C ILE C 152 -5.11 6.68 -10.88
N ALA C 153 -5.68 5.49 -11.02
CA ALA C 153 -6.95 5.35 -11.70
C ALA C 153 -8.07 5.46 -10.69
N ILE C 154 -8.87 6.51 -10.82
CA ILE C 154 -9.96 6.71 -9.89
C ILE C 154 -11.29 6.53 -10.61
N VAL C 155 -12.00 5.49 -10.18
CA VAL C 155 -13.29 5.12 -10.74
C VAL C 155 -14.43 5.63 -9.87
N ASP C 156 -15.30 6.45 -10.46
CA ASP C 156 -16.42 7.00 -9.71
C ASP C 156 -17.53 5.96 -9.61
N ALA C 157 -18.59 6.31 -8.89
CA ALA C 157 -19.72 5.41 -8.70
C ALA C 157 -20.30 4.86 -10.00
N ASP C 158 -20.27 5.63 -11.07
CA ASP C 158 -20.82 5.16 -12.34
C ASP C 158 -19.86 4.20 -13.03
N GLY C 159 -18.64 4.10 -12.53
CA GLY C 159 -17.66 3.23 -13.13
C GLY C 159 -16.76 3.97 -14.11
N ASP C 160 -16.90 5.28 -14.17
CA ASP C 160 -16.10 6.10 -15.07
C ASP C 160 -14.75 6.35 -14.42
N ILE C 161 -13.70 6.33 -15.24
CA ILE C 161 -12.32 6.50 -14.77
C ILE C 161 -11.63 7.82 -15.12
N VAL C 162 -10.88 8.36 -14.15
CA VAL C 162 -10.09 9.56 -14.39
C VAL C 162 -8.71 9.24 -13.84
N TYR C 163 -7.69 9.50 -14.64
CA TYR C 163 -6.33 9.22 -14.23
C TYR C 163 -5.66 10.45 -13.68
N TYR C 164 -4.86 10.25 -12.63
CA TYR C 164 -4.16 11.34 -11.99
C TYR C 164 -2.71 10.94 -11.75
N ASN C 165 -1.84 11.93 -11.73
CA ASN C 165 -0.44 11.68 -11.47
C ASN C 165 -0.15 12.35 -10.14
N MET C 166 0.95 11.98 -9.52
CA MET C 166 1.31 12.57 -8.25
C MET C 166 2.81 12.61 -8.13
N THR C 167 3.32 13.76 -7.71
CA THR C 167 4.74 13.93 -7.62
C THR C 167 5.14 14.51 -6.29
N TYR C 168 6.27 14.03 -5.76
CA TYR C 168 6.79 14.54 -4.50
C TYR C 168 7.29 15.93 -4.86
N VAL C 169 7.19 16.87 -3.92
CA VAL C 169 7.61 18.24 -4.19
C VAL C 169 8.33 18.92 -3.02
N LYS C 170 9.43 19.58 -3.34
CA LYS C 170 10.21 20.32 -2.35
C LYS C 170 10.14 21.79 -2.76
N PRO C 171 9.09 22.51 -2.31
CA PRO C 171 8.86 23.92 -2.62
C PRO C 171 10.01 24.89 -2.33
N LYS D 1 9.71 47.08 17.00
CA LYS D 1 8.63 46.04 17.00
C LYS D 1 7.23 46.63 16.76
N ILE D 2 6.65 46.31 15.61
CA ILE D 2 5.32 46.82 15.24
C ILE D 2 4.25 46.36 16.23
N THR D 3 3.28 47.22 16.50
CA THR D 3 2.21 46.89 17.41
C THR D 3 0.90 46.66 16.65
N GLY D 4 0.14 45.68 17.10
CA GLY D 4 -1.13 45.37 16.48
C GLY D 4 -2.14 45.17 17.58
N LEU D 5 -3.40 45.39 17.28
CA LEU D 5 -4.43 45.23 18.30
C LEU D 5 -5.34 44.07 17.97
N LEU D 6 -5.45 43.16 18.93
CA LEU D 6 -6.30 41.99 18.77
C LEU D 6 -7.73 42.44 18.55
N ASP D 7 -8.28 42.13 17.38
CA ASP D 7 -9.64 42.50 17.05
C ASP D 7 -10.43 41.29 16.55
N GLY D 8 -10.82 40.41 17.49
CA GLY D 8 -11.55 39.22 17.10
C GLY D 8 -10.65 38.24 16.39
N ASP D 9 -10.92 38.00 15.11
CA ASP D 9 -10.11 37.06 14.33
C ASP D 9 -9.07 37.78 13.48
N ARG D 10 -8.84 39.06 13.79
CA ARG D 10 -7.86 39.88 13.07
C ARG D 10 -7.01 40.73 14.03
N VAL D 11 -5.81 41.07 13.58
CA VAL D 11 -4.90 41.91 14.36
C VAL D 11 -4.63 43.13 13.48
N ILE D 12 -5.09 44.28 13.94
CA ILE D 12 -4.94 45.53 13.17
C ILE D 12 -3.70 46.34 13.49
N VAL D 13 -2.96 46.71 12.46
CA VAL D 13 -1.75 47.52 12.61
C VAL D 13 -2.06 48.92 12.07
N PHE D 14 -1.94 49.94 12.93
CA PHE D 14 -2.24 51.30 12.51
C PHE D 14 -0.99 52.11 12.16
N ASP D 15 0.11 51.84 12.85
CA ASP D 15 1.36 52.57 12.59
C ASP D 15 1.65 52.76 11.09
N LYS D 16 2.04 53.97 10.73
CA LYS D 16 2.32 54.29 9.33
C LYS D 16 3.51 53.53 8.75
N ASN D 17 4.59 53.44 9.51
CA ASN D 17 5.75 52.73 9.01
C ASN D 17 5.54 51.23 9.17
N GLY D 18 4.93 50.84 10.29
CA GLY D 18 4.66 49.43 10.53
C GLY D 18 3.97 48.86 9.32
N ILE D 19 2.82 49.44 8.96
CA ILE D 19 2.04 49.03 7.80
C ILE D 19 2.95 48.92 6.59
N SER D 20 3.79 49.92 6.41
CA SER D 20 4.72 49.95 5.30
C SER D 20 5.60 48.70 5.21
N LYS D 21 6.28 48.35 6.29
CA LYS D 21 7.15 47.17 6.30
C LYS D 21 6.40 45.87 6.00
N LEU D 22 5.31 45.64 6.72
CA LEU D 22 4.51 44.44 6.53
C LEU D 22 3.92 44.36 5.13
N SER D 23 3.41 45.48 4.63
CA SER D 23 2.81 45.52 3.30
C SER D 23 3.86 45.21 2.22
N ALA D 24 5.11 45.54 2.52
CA ALA D 24 6.22 45.32 1.59
C ALA D 24 6.48 43.83 1.42
N ARG D 25 6.35 43.09 2.51
CA ARG D 25 6.56 41.64 2.49
C ARG D 25 5.23 40.98 2.14
N HIS D 26 4.18 41.79 2.13
CA HIS D 26 2.84 41.34 1.80
C HIS D 26 2.11 40.59 2.90
N TYR D 27 2.07 41.16 4.10
CA TYR D 27 1.36 40.54 5.20
C TYR D 27 0.06 41.30 5.39
N GLY D 28 -1.02 40.56 5.62
CA GLY D 28 -2.33 41.17 5.82
C GLY D 28 -2.90 41.80 4.56
N ASN D 29 -4.10 42.37 4.70
CA ASN D 29 -4.73 43.04 3.59
C ASN D 29 -4.80 44.50 3.99
N VAL D 30 -4.75 45.38 3.01
CA VAL D 30 -4.80 46.79 3.29
C VAL D 30 -6.17 47.37 2.98
N GLU D 31 -6.91 47.68 4.03
CA GLU D 31 -8.23 48.27 3.91
C GLU D 31 -8.18 49.66 4.54
N GLY D 32 -8.93 50.59 3.99
CA GLY D 32 -8.94 51.95 4.52
C GLY D 32 -7.53 52.47 4.65
N ASN D 33 -7.14 52.82 5.87
CA ASN D 33 -5.81 53.35 6.14
C ASN D 33 -4.93 52.38 6.91
N PHE D 34 -5.57 51.38 7.51
CA PHE D 34 -4.88 50.39 8.32
C PHE D 34 -4.44 49.12 7.59
N LEU D 35 -4.06 48.14 8.39
CA LEU D 35 -3.60 46.85 7.90
C LEU D 35 -4.22 45.76 8.79
N SER D 36 -4.96 44.84 8.17
CA SER D 36 -5.61 43.77 8.91
C SER D 36 -4.79 42.50 8.74
N LEU D 37 -4.39 41.89 9.85
CA LEU D 37 -3.63 40.64 9.79
C LEU D 37 -4.50 39.49 10.30
N SER D 38 -4.23 38.27 9.80
CA SER D 38 -4.97 37.08 10.21
C SER D 38 -4.32 36.52 11.48
N LEU D 39 -5.04 35.70 12.23
CA LEU D 39 -4.47 35.15 13.46
C LEU D 39 -3.20 34.31 13.22
N VAL D 40 -3.15 33.58 12.11
CA VAL D 40 -1.97 32.76 11.80
C VAL D 40 -0.83 33.66 11.39
N GLU D 41 -1.15 34.72 10.64
CA GLU D 41 -0.16 35.71 10.18
C GLU D 41 0.47 36.39 11.40
N ALA D 42 -0.40 36.90 12.27
CA ALA D 42 0.04 37.57 13.49
C ALA D 42 0.91 36.65 14.35
N LEU D 43 0.54 35.38 14.43
CA LEU D 43 1.32 34.42 15.22
C LEU D 43 2.69 34.25 14.60
N TYR D 44 2.72 34.23 13.28
CA TYR D 44 3.98 34.08 12.57
C TYR D 44 4.85 35.32 12.78
N LEU D 45 4.27 36.50 12.54
CA LEU D 45 4.98 37.76 12.73
C LEU D 45 5.52 37.90 14.15
N ILE D 46 4.79 37.39 15.14
CA ILE D 46 5.23 37.43 16.54
C ILE D 46 6.44 36.50 16.64
N ASN D 47 6.33 35.34 15.99
CA ASN D 47 7.36 34.32 15.99
C ASN D 47 8.62 34.86 15.31
N LEU D 48 8.40 35.74 14.35
CA LEU D 48 9.48 36.37 13.60
C LEU D 48 10.22 37.37 14.46
N GLY D 49 9.50 37.96 15.42
CA GLY D 49 10.05 38.97 16.31
C GLY D 49 9.66 40.37 15.85
N TRP D 50 8.89 40.42 14.77
CA TRP D 50 8.42 41.65 14.14
C TRP D 50 7.20 42.30 14.77
N LEU D 51 6.24 41.47 15.16
CA LEU D 51 5.01 41.99 15.70
C LEU D 51 4.85 41.82 17.21
N GLU D 52 4.00 42.68 17.77
CA GLU D 52 3.68 42.68 19.19
C GLU D 52 2.18 42.91 19.26
N VAL D 53 1.42 41.88 19.61
CA VAL D 53 -0.03 42.00 19.68
C VAL D 53 -0.46 42.16 21.12
N LYS D 54 -1.51 42.94 21.33
CA LYS D 54 -2.05 43.16 22.66
C LYS D 54 -3.52 43.46 22.56
N TYR D 55 -4.30 42.98 23.52
CA TYR D 55 -5.73 43.24 23.50
C TYR D 55 -5.94 44.54 24.24
N LYS D 56 -6.10 45.61 23.47
CA LYS D 56 -6.31 46.95 24.03
C LYS D 56 -5.22 47.35 25.04
N ASP D 57 -5.65 47.93 26.15
CA ASP D 57 -4.77 48.39 27.21
C ASP D 57 -3.86 47.32 27.79
N ASN D 58 -4.39 46.10 27.89
CA ASN D 58 -3.65 44.97 28.42
C ASN D 58 -2.24 44.90 27.88
N LYS D 59 -1.39 44.20 28.60
CA LYS D 59 -0.01 44.06 28.19
C LYS D 59 0.03 43.20 26.95
N PRO D 60 1.09 43.34 26.13
CA PRO D 60 1.19 42.53 24.91
C PRO D 60 1.00 41.06 25.26
N LEU D 61 0.43 40.31 24.32
CA LEU D 61 0.19 38.89 24.52
C LEU D 61 1.42 38.11 24.09
N SER D 62 1.66 36.96 24.73
CA SER D 62 2.80 36.12 24.35
C SER D 62 2.31 35.19 23.24
N PHE D 63 3.25 34.55 22.54
CA PHE D 63 2.89 33.62 21.48
C PHE D 63 1.90 32.58 21.99
N GLU D 64 2.15 32.11 23.22
CA GLU D 64 1.29 31.12 23.84
C GLU D 64 -0.09 31.70 24.12
N GLU D 65 -0.12 32.94 24.60
CA GLU D 65 -1.38 33.60 24.91
C GLU D 65 -2.24 33.78 23.67
N LEU D 66 -1.66 34.32 22.61
CA LEU D 66 -2.40 34.53 21.37
C LEU D 66 -2.84 33.19 20.80
N TYR D 67 -1.98 32.19 20.91
CA TYR D 67 -2.30 30.86 20.41
C TYR D 67 -3.49 30.35 21.21
N GLU D 68 -3.40 30.47 22.54
CA GLU D 68 -4.46 30.05 23.44
C GLU D 68 -5.78 30.65 22.97
N TYR D 69 -5.74 31.93 22.61
CA TYR D 69 -6.92 32.65 22.15
C TYR D 69 -7.33 32.15 20.77
N ALA D 70 -6.43 32.35 19.80
CA ALA D 70 -6.65 31.95 18.42
C ALA D 70 -7.20 30.54 18.26
N ARG D 71 -6.63 29.58 18.99
CA ARG D 71 -7.08 28.20 18.87
C ARG D 71 -8.56 28.05 19.19
N ASN D 72 -9.07 28.85 20.12
CA ASN D 72 -10.48 28.73 20.45
C ASN D 72 -11.30 29.66 19.56
N VAL D 73 -10.68 30.08 18.46
CA VAL D 73 -11.31 30.99 17.51
C VAL D 73 -11.21 30.45 16.09
N GLU D 74 -9.99 30.29 15.60
CA GLU D 74 -9.76 29.78 14.26
C GLU D 74 -9.75 28.26 14.28
N GLU D 75 -10.01 27.65 13.13
CA GLU D 75 -10.04 26.20 13.03
C GLU D 75 -8.74 25.67 12.40
N ARG D 76 -8.36 24.44 12.78
CA ARG D 76 -7.15 23.81 12.27
C ARG D 76 -5.94 24.72 12.42
N LEU D 77 -5.96 25.55 13.46
CA LEU D 77 -4.89 26.50 13.71
C LEU D 77 -3.52 25.89 13.60
N CYS D 78 -3.25 24.88 14.41
CA CYS D 78 -1.94 24.25 14.39
C CYS D 78 -1.56 23.78 12.99
N LEU D 79 -2.55 23.23 12.29
CA LEU D 79 -2.38 22.72 10.94
C LEU D 79 -1.94 23.83 10.01
N LYS D 80 -2.81 24.83 9.88
CA LYS D 80 -2.57 25.97 9.03
C LYS D 80 -1.30 26.73 9.42
N TYR D 81 -1.05 26.87 10.71
CA TYR D 81 0.15 27.58 11.14
C TYR D 81 1.44 26.85 10.78
N LEU D 82 1.48 25.56 11.03
CA LEU D 82 2.69 24.79 10.73
C LEU D 82 3.08 24.86 9.27
N VAL D 83 2.08 24.83 8.38
CA VAL D 83 2.35 24.88 6.94
C VAL D 83 2.70 26.30 6.49
N TYR D 84 1.90 27.27 6.94
CA TYR D 84 2.10 28.67 6.61
C TYR D 84 3.53 29.10 6.96
N LYS D 85 3.92 28.87 8.20
CA LYS D 85 5.26 29.24 8.63
C LYS D 85 6.29 28.66 7.66
N ASP D 86 6.14 27.37 7.34
CA ASP D 86 7.05 26.67 6.44
C ASP D 86 7.14 27.29 5.05
N LEU D 87 5.99 27.56 4.46
CA LEU D 87 5.94 28.14 3.13
C LEU D 87 6.53 29.55 3.17
N ARG D 88 6.28 30.26 4.27
CA ARG D 88 6.80 31.62 4.44
C ARG D 88 8.33 31.53 4.58
N THR D 89 8.79 30.49 5.28
CA THR D 89 10.22 30.26 5.46
C THR D 89 10.90 29.90 4.14
N ARG D 90 10.15 29.24 3.26
CA ARG D 90 10.69 28.83 1.96
C ARG D 90 10.69 29.99 0.97
N GLY D 91 10.24 31.14 1.43
CA GLY D 91 10.23 32.31 0.56
C GLY D 91 9.04 32.43 -0.37
N TYR D 92 7.84 32.24 0.16
CA TYR D 92 6.65 32.34 -0.66
C TYR D 92 5.74 33.41 -0.10
N ILE D 93 4.96 34.02 -0.97
CA ILE D 93 4.03 35.03 -0.52
C ILE D 93 2.72 34.28 -0.28
N VAL D 94 2.59 33.74 0.92
CA VAL D 94 1.43 32.97 1.31
C VAL D 94 0.21 33.85 1.61
N LYS D 95 -0.87 33.63 0.86
CA LYS D 95 -2.11 34.38 1.06
C LYS D 95 -3.24 33.35 1.18
N THR D 96 -4.44 33.80 1.51
CA THR D 96 -5.58 32.89 1.67
C THR D 96 -5.96 32.16 0.38
N GLY D 97 -6.56 30.98 0.53
CA GLY D 97 -6.97 30.21 -0.62
C GLY D 97 -8.48 30.15 -0.55
N LEU D 98 -9.00 30.78 0.50
CA LEU D 98 -10.42 30.89 0.77
C LEU D 98 -11.35 31.02 -0.43
N LYS D 99 -10.99 31.90 -1.37
CA LYS D 99 -11.81 32.12 -2.57
C LYS D 99 -11.86 30.90 -3.48
N TYR D 100 -11.02 29.90 -3.19
CA TYR D 100 -10.97 28.71 -4.02
C TYR D 100 -11.28 27.42 -3.25
N GLY D 101 -11.41 27.53 -1.94
CA GLY D 101 -11.68 26.36 -1.14
C GLY D 101 -10.37 25.79 -0.62
N ALA D 102 -9.26 26.45 -0.95
CA ALA D 102 -7.96 26.01 -0.49
C ALA D 102 -7.62 26.76 0.78
N ASP D 103 -6.61 26.28 1.50
CA ASP D 103 -6.19 26.92 2.73
C ASP D 103 -5.37 28.14 2.39
N PHE D 104 -4.43 27.96 1.46
CA PHE D 104 -3.55 29.04 1.02
C PHE D 104 -3.47 29.12 -0.51
N ARG D 105 -3.01 30.26 -0.99
CA ARG D 105 -2.81 30.50 -2.41
C ARG D 105 -1.39 31.07 -2.41
N LEU D 106 -0.53 30.51 -3.25
CA LEU D 106 0.86 30.94 -3.31
C LEU D 106 1.22 31.71 -4.57
N TYR D 107 2.18 32.62 -4.42
CA TYR D 107 2.69 33.43 -5.52
C TYR D 107 4.13 33.02 -5.76
N GLU D 108 4.47 32.76 -7.02
CA GLU D 108 5.83 32.32 -7.40
C GLU D 108 6.90 32.97 -6.54
N ARG D 109 7.82 32.14 -6.05
CA ARG D 109 8.90 32.57 -5.18
C ARG D 109 8.74 33.93 -4.49
N GLY D 110 9.14 35.04 -5.11
CA GLY D 110 8.98 36.29 -4.37
C GLY D 110 8.88 37.67 -4.98
N ALA D 111 8.57 37.80 -6.27
CA ALA D 111 8.47 39.14 -6.86
C ALA D 111 7.20 39.30 -7.67
N ASN D 112 6.06 39.15 -7.00
CA ASN D 112 4.78 39.29 -7.68
C ASN D 112 3.91 40.33 -7.02
N ILE D 113 3.12 41.02 -7.83
CA ILE D 113 2.24 42.08 -7.34
C ILE D 113 0.77 41.68 -7.39
N ASP D 114 -0.04 42.54 -8.00
CA ASP D 114 -1.47 42.31 -8.14
C ASP D 114 -1.78 42.09 -9.60
N LYS D 115 -0.82 42.43 -10.45
CA LYS D 115 -0.98 42.23 -11.87
C LYS D 115 -0.43 40.83 -12.14
N GLU D 116 0.22 40.28 -11.12
CA GLU D 116 0.78 38.93 -11.19
C GLU D 116 -0.13 38.00 -10.37
N HIS D 117 -0.46 36.84 -10.94
CA HIS D 117 -1.36 35.89 -10.28
C HIS D 117 -0.68 34.86 -9.37
N SER D 118 -1.49 34.22 -8.53
CA SER D 118 -1.01 33.19 -7.62
C SER D 118 -0.82 31.92 -8.44
N VAL D 119 0.25 31.18 -8.18
CA VAL D 119 0.52 29.97 -8.94
C VAL D 119 0.02 28.66 -8.32
N TYR D 120 -0.01 28.57 -6.99
CA TYR D 120 -0.47 27.36 -6.35
C TYR D 120 -1.65 27.56 -5.43
N LEU D 121 -2.37 26.47 -5.19
CA LEU D 121 -3.48 26.45 -4.25
C LEU D 121 -2.93 25.40 -3.28
N VAL D 122 -3.09 25.61 -1.98
CA VAL D 122 -2.56 24.68 -1.00
C VAL D 122 -3.62 24.18 -0.03
N LYS D 123 -3.65 22.87 0.14
CA LYS D 123 -4.60 22.23 1.04
C LYS D 123 -3.82 21.37 2.03
N VAL D 124 -3.91 21.72 3.31
CA VAL D 124 -3.18 20.96 4.31
C VAL D 124 -4.00 19.77 4.82
N PHE D 125 -3.30 18.67 5.06
CA PHE D 125 -3.90 17.43 5.51
C PHE D 125 -3.07 16.77 6.59
N PRO D 126 -3.69 16.37 7.70
CA PRO D 126 -2.91 15.71 8.75
C PRO D 126 -2.77 14.26 8.25
N GLU D 127 -1.56 13.71 8.33
CA GLU D 127 -1.28 12.36 7.86
C GLU D 127 -2.22 11.25 8.32
N ASP D 128 -2.41 11.11 9.63
CA ASP D 128 -3.21 10.00 10.15
C ASP D 128 -4.74 10.06 10.11
N SER D 129 -5.28 11.06 9.42
CA SER D 129 -6.72 11.17 9.29
C SER D 129 -7.13 10.78 7.89
N SER D 130 -8.09 9.86 7.79
CA SER D 130 -8.56 9.40 6.51
C SER D 130 -9.69 10.30 6.05
N PHE D 131 -9.94 10.31 4.75
CA PHE D 131 -11.01 11.13 4.20
C PHE D 131 -11.39 10.54 2.86
N LEU D 132 -12.48 11.05 2.30
CA LEU D 132 -12.97 10.57 1.01
C LEU D 132 -12.06 11.02 -0.11
N LEU D 133 -11.74 10.09 -1.01
CA LEU D 133 -10.86 10.40 -2.13
C LEU D 133 -11.44 11.52 -2.98
N SER D 134 -12.77 11.60 -2.99
CA SER D 134 -13.49 12.62 -3.76
C SER D 134 -13.14 14.03 -3.28
N GLU D 135 -12.57 14.12 -2.08
CA GLU D 135 -12.18 15.40 -1.53
C GLU D 135 -10.94 15.87 -2.29
N LEU D 136 -10.02 14.94 -2.54
CA LEU D 136 -8.78 15.21 -3.26
C LEU D 136 -9.10 15.55 -4.71
N THR D 137 -9.84 14.68 -5.36
CA THR D 137 -10.18 14.91 -6.75
C THR D 137 -10.94 16.24 -6.91
N GLY D 138 -11.59 16.67 -5.85
CA GLY D 138 -12.32 17.93 -5.91
C GLY D 138 -11.36 19.09 -6.01
N PHE D 139 -10.28 19.02 -5.26
CA PHE D 139 -9.28 20.07 -5.29
C PHE D 139 -8.51 20.06 -6.61
N VAL D 140 -8.39 18.90 -7.24
CA VAL D 140 -7.69 18.88 -8.51
C VAL D 140 -8.59 19.58 -9.52
N ARG D 141 -9.90 19.45 -9.35
CA ARG D 141 -10.84 20.08 -10.26
C ARG D 141 -10.80 21.59 -10.15
N VAL D 142 -10.80 22.09 -8.92
CA VAL D 142 -10.76 23.54 -8.68
C VAL D 142 -9.45 24.14 -9.19
N ALA D 143 -8.34 23.58 -8.75
CA ALA D 143 -7.04 24.07 -9.20
C ALA D 143 -7.05 24.13 -10.71
N HIS D 144 -7.23 22.99 -11.37
CA HIS D 144 -7.27 22.93 -12.84
C HIS D 144 -8.22 23.96 -13.41
N SER D 145 -9.43 24.02 -12.87
CA SER D 145 -10.42 24.95 -13.35
C SER D 145 -9.93 26.39 -13.38
N VAL D 146 -9.13 26.79 -12.38
CA VAL D 146 -8.61 28.15 -12.32
C VAL D 146 -7.18 28.24 -12.82
N ARG D 147 -6.79 27.30 -13.68
CA ARG D 147 -5.45 27.27 -14.24
C ARG D 147 -4.38 27.48 -13.17
N LYS D 148 -4.43 26.65 -12.13
CA LYS D 148 -3.48 26.72 -11.04
C LYS D 148 -3.03 25.30 -10.70
N LYS D 149 -1.91 25.19 -9.98
CA LYS D 149 -1.41 23.89 -9.59
C LYS D 149 -1.83 23.61 -8.15
N LEU D 150 -2.33 22.40 -7.90
CA LEU D 150 -2.75 22.03 -6.56
C LEU D 150 -1.56 21.47 -5.79
N LEU D 151 -1.31 22.04 -4.62
CA LEU D 151 -0.21 21.58 -3.78
C LEU D 151 -0.81 20.93 -2.54
N ILE D 152 -0.49 19.66 -2.33
CA ILE D 152 -0.98 18.92 -1.17
C ILE D 152 0.08 19.01 -0.07
N ALA D 153 -0.24 19.75 0.99
CA ALA D 153 0.71 19.90 2.10
C ALA D 153 0.30 18.96 3.23
N ILE D 154 1.12 17.95 3.50
CA ILE D 154 0.82 16.99 4.56
C ILE D 154 1.66 17.22 5.82
N VAL D 155 0.99 17.32 6.96
CA VAL D 155 1.71 17.48 8.23
C VAL D 155 1.82 16.04 8.73
N ASP D 156 3.00 15.43 8.58
CA ASP D 156 3.15 14.05 9.00
C ASP D 156 3.22 13.89 10.51
N ALA D 157 3.16 12.64 10.96
CA ALA D 157 3.18 12.33 12.38
C ALA D 157 4.38 12.92 13.14
N ASP D 158 5.46 13.23 12.43
CA ASP D 158 6.64 13.82 13.05
C ASP D 158 6.55 15.33 13.15
N GLY D 159 5.49 15.90 12.56
CA GLY D 159 5.32 17.34 12.60
C GLY D 159 5.87 18.04 11.37
N ASP D 160 6.57 17.30 10.53
CA ASP D 160 7.15 17.86 9.31
C ASP D 160 6.09 18.02 8.24
N ILE D 161 6.40 18.77 7.20
CA ILE D 161 5.46 18.98 6.11
C ILE D 161 5.99 18.36 4.81
N VAL D 162 5.15 17.53 4.21
CA VAL D 162 5.50 16.86 2.96
C VAL D 162 4.55 17.38 1.90
N TYR D 163 5.11 17.78 0.76
CA TYR D 163 4.31 18.32 -0.33
C TYR D 163 4.26 17.41 -1.54
N TYR D 164 3.09 17.36 -2.16
CA TYR D 164 2.85 16.56 -3.34
C TYR D 164 2.03 17.37 -4.31
N ASN D 165 2.25 17.11 -5.59
CA ASN D 165 1.50 17.78 -6.63
C ASN D 165 0.61 16.71 -7.23
N MET D 166 -0.62 17.07 -7.50
CA MET D 166 -1.55 16.12 -8.08
C MET D 166 -2.22 16.76 -9.28
N THR D 167 -2.17 16.07 -10.41
CA THR D 167 -2.79 16.56 -11.63
C THR D 167 -3.48 15.47 -12.44
N TYR D 168 -4.25 15.89 -13.43
CA TYR D 168 -4.96 15.00 -14.32
C TYR D 168 -3.95 14.42 -15.32
N VAL D 169 -4.28 13.28 -15.92
CA VAL D 169 -3.41 12.65 -16.91
C VAL D 169 -4.30 11.93 -17.91
N LYS D 170 -3.95 12.03 -19.19
CA LYS D 170 -4.72 11.38 -20.23
C LYS D 170 -3.85 10.29 -20.85
N PRO D 171 -3.94 9.06 -20.32
CA PRO D 171 -3.11 7.99 -20.89
C PRO D 171 -3.57 7.62 -22.30
S SO4 E . 15.42 8.31 6.79
O1 SO4 E . 14.84 7.34 7.72
O2 SO4 E . 14.33 8.94 6.02
O3 SO4 E . 16.33 7.63 5.86
O4 SO4 E . 16.18 9.32 7.54
AU AU F . -5.12 0.20 21.70
AU AU G . -5.04 -21.36 -11.59
S SO4 H . 9.12 -4.35 -16.03
O1 SO4 H . 7.76 -4.21 -16.57
O2 SO4 H . 9.04 -4.91 -14.68
O3 SO4 H . 9.75 -3.03 -15.96
O4 SO4 H . 9.90 -5.22 -16.91
AU AU I . -17.55 -3.80 -13.31
AU AU J . -1.71 20.36 14.06
#